data_8XC9
#
_entry.id   8XC9
#
_cell.length_a   140.000
_cell.length_b   140.000
_cell.length_c   84.180
_cell.angle_alpha   90.00
_cell.angle_beta   90.00
_cell.angle_gamma   120.00
#
_symmetry.space_group_name_H-M   'P 31 2 1'
#
loop_
_entity.id
_entity.type
_entity.pdbx_description
1 polymer AmyA
2 branched 4,6-dideoxy-4-{[(1S,4R,5S,6S)-4,5,6-trihydroxy-3-(hydroxymethyl)cyclohex-2-en-1-yl]amino}-alpha-D-glucopyranose-(1-4)-alpha-D-glucopyranose
3 water water
#
_entity_poly.entity_id   1
_entity_poly.type   'polypeptide(L)'
_entity_poly.pdbx_seq_one_letter_code
;MQNTAKNAIWQRVRHSAIALSALSLFFGLQASELPQIPPQQVNNTMYQAFYWDAYPGLWANLPAMAAPLAERGITSMWLP
PAAKGMNGTFSVGYDVYDLWDLGEFNQKGTTATRYGTRQQLQQALSALDQLGIQAYFDVVFNHRMGADAQEHIPGFGLAW
TEYHLQGRQAHYTQQNWGYLWHDFDWNWTAFNGSDNQLYPGKWWGNTFHFPYLMGEDVDYNRFEVQQEMKAWGEWIINSV
GFSGFRMDAIAHVDTDFTRDWINHVQWATSEDVFFVAEAWVSDINGYLDAVNTPHLRAFDFNLREDFVALSSGSKDMRWW
GGLVNSQHRDRAVTFVDNHDTSRAGNPYGMPQVINYKNQAYAYILLREHGVPTVFARDYDEFGMAPTLDKLIEARRYFAY
GPGHEYSGNTEAVYAYVREGLSTVPGTGLVMLISGRNWGGQQSFTINSHQPNTTFYDYTGNVSGTVTTNAQGYGSFPVTM
TESTGWSVWVPQSNGGTQ
;
_entity_poly.pdbx_strand_id   A,B
#
# COMPACT_ATOMS: atom_id res chain seq x y z
N LEU A 34 30.79 1.55 -5.28
CA LEU A 34 29.41 1.90 -4.91
C LEU A 34 28.60 0.64 -4.59
N PRO A 35 27.73 0.73 -3.57
CA PRO A 35 26.95 -0.46 -3.18
C PRO A 35 26.08 -0.95 -4.33
N GLN A 36 25.94 -2.27 -4.42
CA GLN A 36 25.17 -2.89 -5.49
C GLN A 36 23.80 -3.26 -4.93
N ILE A 37 22.79 -2.46 -5.29
CA ILE A 37 21.45 -2.64 -4.72
C ILE A 37 20.67 -3.66 -5.56
N PRO A 38 20.00 -4.62 -4.95
CA PRO A 38 19.20 -5.59 -5.72
C PRO A 38 18.19 -4.87 -6.62
N PRO A 39 18.04 -5.33 -7.86
CA PRO A 39 17.30 -4.53 -8.86
C PRO A 39 15.91 -4.12 -8.42
N GLN A 40 15.16 -5.04 -7.81
CA GLN A 40 13.79 -4.71 -7.41
C GLN A 40 13.74 -3.81 -6.17
N GLN A 41 14.87 -3.54 -5.51
CA GLN A 41 14.89 -2.69 -4.33
C GLN A 41 15.36 -1.26 -4.61
N VAL A 42 15.80 -0.95 -5.84
CA VAL A 42 16.31 0.37 -6.15
C VAL A 42 15.24 1.43 -5.86
N ASN A 43 15.63 2.49 -5.15
CA ASN A 43 14.68 3.57 -4.86
C ASN A 43 14.15 4.16 -6.16
N ASN A 44 12.87 4.52 -6.16
CA ASN A 44 12.31 5.35 -7.22
C ASN A 44 12.69 6.80 -6.96
N THR A 45 13.36 7.41 -7.94
CA THR A 45 13.69 8.83 -7.89
C THR A 45 13.14 9.46 -9.16
N MET A 46 12.24 10.43 -8.99
CA MET A 46 11.55 11.03 -10.13
C MET A 46 12.18 12.36 -10.52
N TYR A 47 12.16 12.64 -11.81
CA TYR A 47 12.63 13.89 -12.39
C TYR A 47 11.48 14.46 -13.21
N GLN A 48 10.96 15.63 -12.81
CA GLN A 48 10.02 16.35 -13.67
C GLN A 48 10.81 16.96 -14.82
N ALA A 49 10.62 16.44 -16.04
CA ALA A 49 11.51 16.74 -17.16
C ALA A 49 11.19 18.02 -17.91
N PHE A 50 10.65 19.03 -17.22
CA PHE A 50 10.29 20.28 -17.88
C PHE A 50 10.01 21.30 -16.80
N TYR A 51 9.78 22.54 -17.24
CA TYR A 51 9.21 23.62 -16.44
C TYR A 51 8.42 24.49 -17.43
N TRP A 52 7.91 25.62 -16.97
CA TRP A 52 6.96 26.35 -17.81
C TRP A 52 7.65 26.87 -19.08
N ASP A 53 7.06 26.56 -20.24
CA ASP A 53 7.52 26.95 -21.57
C ASP A 53 8.85 26.33 -21.96
N ALA A 54 9.39 25.38 -21.17
CA ALA A 54 10.73 24.87 -21.40
C ALA A 54 10.73 23.76 -22.45
N TYR A 55 11.87 23.62 -23.13
CA TYR A 55 12.19 22.49 -24.00
C TYR A 55 11.22 22.33 -25.18
N PRO A 56 11.04 23.33 -26.03
CA PRO A 56 10.38 23.05 -27.31
C PRO A 56 11.21 22.00 -28.05
N GLY A 57 10.53 21.03 -28.65
CA GLY A 57 11.23 19.91 -29.25
C GLY A 57 11.83 18.91 -28.28
N LEU A 58 11.36 18.86 -27.04
CA LEU A 58 11.88 17.93 -26.04
C LEU A 58 12.09 16.52 -26.57
N TRP A 59 11.14 15.97 -27.33
CA TRP A 59 11.21 14.55 -27.64
C TRP A 59 12.53 14.18 -28.33
N ALA A 60 12.98 14.98 -29.30
CA ALA A 60 14.26 14.68 -29.95
C ALA A 60 15.41 14.76 -28.96
N ASN A 61 15.36 15.68 -28.00
CA ASN A 61 16.46 15.90 -27.09
C ASN A 61 16.39 15.07 -25.82
N LEU A 62 15.26 14.42 -25.56
CA LEU A 62 15.08 13.71 -24.28
C LEU A 62 16.09 12.59 -24.04
N PRO A 63 16.33 11.65 -24.97
CA PRO A 63 17.29 10.58 -24.67
C PRO A 63 18.68 11.11 -24.32
N ALA A 64 19.09 12.19 -24.96
CA ALA A 64 20.35 12.82 -24.60
C ALA A 64 20.31 13.38 -23.19
N MET A 65 19.20 14.05 -22.83
CA MET A 65 19.09 14.58 -21.48
C MET A 65 19.01 13.45 -20.45
N ALA A 66 18.39 12.34 -20.81
CA ALA A 66 18.11 11.26 -19.86
C ALA A 66 19.31 10.40 -19.54
N ALA A 67 20.31 10.32 -20.44
CA ALA A 67 21.40 9.37 -20.23
C ALA A 67 22.24 9.72 -19.00
N PRO A 68 22.75 10.95 -18.83
CA PRO A 68 23.47 11.23 -17.57
C PRO A 68 22.59 11.14 -16.35
N LEU A 69 21.31 11.50 -16.45
CA LEU A 69 20.44 11.41 -15.27
C LEU A 69 20.21 9.96 -14.87
N ALA A 70 20.13 9.04 -15.85
CA ALA A 70 20.06 7.63 -15.51
C ALA A 70 21.27 7.20 -14.70
N GLU A 71 22.46 7.69 -15.09
CA GLU A 71 23.70 7.35 -14.39
C GLU A 71 23.68 7.84 -12.94
N ARG A 72 23.13 9.02 -12.70
CA ARG A 72 23.07 9.54 -11.34
C ARG A 72 22.11 8.75 -10.47
N GLY A 73 21.04 8.21 -11.04
CA GLY A 73 20.12 7.40 -10.28
C GLY A 73 18.67 7.76 -10.46
N ILE A 74 18.37 8.71 -11.35
CA ILE A 74 16.98 8.96 -11.69
C ILE A 74 16.41 7.70 -12.31
N THR A 75 15.24 7.27 -11.81
CA THR A 75 14.62 6.07 -12.33
C THR A 75 13.30 6.31 -13.06
N SER A 76 12.65 7.46 -12.84
CA SER A 76 11.41 7.79 -13.54
C SER A 76 11.42 9.26 -13.98
N MET A 77 10.70 9.55 -15.07
CA MET A 77 10.60 10.91 -15.58
C MET A 77 9.13 11.28 -15.77
N TRP A 78 8.71 12.35 -15.12
CA TRP A 78 7.41 12.95 -15.38
C TRP A 78 7.58 13.85 -16.60
N LEU A 79 7.05 13.40 -17.73
CA LEU A 79 7.11 14.13 -18.99
C LEU A 79 5.95 15.11 -19.11
N PRO A 80 6.10 16.16 -19.89
CA PRO A 80 5.05 17.15 -20.02
C PRO A 80 3.83 16.55 -20.69
N PRO A 81 2.65 17.13 -20.48
CA PRO A 81 1.44 16.63 -21.18
C PRO A 81 1.72 16.46 -22.66
N ALA A 82 1.58 15.23 -23.14
CA ALA A 82 2.04 14.87 -24.47
C ALA A 82 0.97 15.01 -25.54
N ALA A 83 -0.29 15.28 -25.16
CA ALA A 83 -1.37 15.35 -26.14
C ALA A 83 -1.54 16.76 -26.71
N LYS A 84 -2.16 16.82 -27.90
CA LYS A 84 -2.26 18.06 -28.65
C LYS A 84 -3.07 19.11 -27.88
N GLY A 85 -2.51 20.31 -27.77
CA GLY A 85 -3.20 21.39 -27.09
C GLY A 85 -3.79 22.42 -28.04
N MET A 86 -4.71 23.24 -27.50
CA MET A 86 -5.38 24.28 -28.29
C MET A 86 -4.37 25.22 -28.96
N ASN A 87 -3.26 25.51 -28.28
CA ASN A 87 -2.29 26.48 -28.74
C ASN A 87 -1.13 25.87 -29.53
N GLY A 88 -1.24 24.61 -29.92
CA GLY A 88 -0.31 24.06 -30.89
C GLY A 88 1.10 23.98 -30.36
N THR A 89 2.07 24.49 -31.13
CA THR A 89 3.47 24.43 -30.71
C THR A 89 3.77 25.34 -29.51
N PHE A 90 2.90 26.32 -29.25
CA PHE A 90 3.01 27.19 -28.09
C PHE A 90 2.26 26.67 -26.87
N SER A 91 1.77 25.44 -26.90
CA SER A 91 1.03 24.90 -25.78
C SER A 91 1.96 24.10 -24.89
N VAL A 92 2.05 24.47 -23.62
CA VAL A 92 2.74 23.59 -22.70
C VAL A 92 2.05 22.23 -22.66
N GLY A 93 0.73 22.20 -22.87
CA GLY A 93 0.02 20.93 -22.95
C GLY A 93 -1.22 20.81 -22.09
N TYR A 94 -1.50 21.83 -21.27
CA TYR A 94 -2.60 21.76 -20.31
C TYR A 94 -3.91 22.28 -20.88
N ASP A 95 -3.88 23.04 -21.97
CA ASP A 95 -5.07 23.39 -22.73
C ASP A 95 -5.35 22.29 -23.76
N VAL A 96 -5.63 21.09 -23.22
CA VAL A 96 -5.62 19.88 -24.04
C VAL A 96 -6.87 19.85 -24.92
N TYR A 97 -6.67 19.44 -26.18
CA TYR A 97 -7.73 19.37 -27.20
C TYR A 97 -8.09 17.93 -27.53
N ASP A 98 -7.10 17.11 -27.91
CA ASP A 98 -7.34 15.72 -28.31
C ASP A 98 -6.37 14.82 -27.57
N LEU A 99 -6.90 14.00 -26.63
CA LEU A 99 -6.05 13.09 -25.87
C LEU A 99 -5.51 11.94 -26.70
N TRP A 100 -6.09 11.64 -27.84
CA TRP A 100 -5.58 10.57 -28.68
C TRP A 100 -4.57 11.08 -29.69
N ASP A 101 -4.36 12.38 -29.76
CA ASP A 101 -3.41 12.97 -30.69
C ASP A 101 -2.14 13.27 -29.89
N LEU A 102 -1.14 12.41 -30.02
CA LEU A 102 0.15 12.65 -29.38
C LEU A 102 1.18 13.27 -30.33
N GLY A 103 0.77 14.20 -31.18
CA GLY A 103 1.67 14.74 -32.19
C GLY A 103 1.66 13.95 -33.49
N GLU A 104 0.54 13.29 -33.80
CA GLU A 104 0.43 12.40 -34.94
C GLU A 104 -0.49 12.93 -36.03
N PHE A 105 -1.32 13.93 -35.71
CA PHE A 105 -2.36 14.38 -36.61
C PHE A 105 -2.33 15.89 -36.70
N ASN A 106 -2.59 16.41 -37.89
CA ASN A 106 -2.55 17.85 -38.04
C ASN A 106 -3.87 18.40 -37.53
N GLN A 107 -3.84 19.00 -36.35
CA GLN A 107 -4.97 19.78 -35.86
C GLN A 107 -4.45 20.83 -34.90
N LYS A 108 -5.26 21.88 -34.72
CA LYS A 108 -4.86 23.06 -33.96
C LYS A 108 -3.63 23.75 -34.57
N GLY A 109 -3.47 23.66 -35.90
CA GLY A 109 -2.44 24.43 -36.58
C GLY A 109 -1.07 23.79 -36.70
N THR A 110 -0.94 22.52 -36.35
CA THR A 110 0.34 21.82 -36.32
C THR A 110 0.06 20.33 -36.26
N THR A 111 1.01 19.53 -36.73
CA THR A 111 0.93 18.10 -36.46
C THR A 111 1.62 17.77 -35.13
N ALA A 112 2.91 18.07 -35.04
CA ALA A 112 3.65 17.91 -33.80
C ALA A 112 3.11 18.81 -32.69
N THR A 113 3.14 18.31 -31.46
CA THR A 113 2.94 19.15 -30.28
C THR A 113 4.13 20.10 -30.13
N ARG A 114 4.17 20.84 -29.01
CA ARG A 114 5.34 21.65 -28.66
C ARG A 114 6.60 20.80 -28.58
N TYR A 115 6.46 19.53 -28.25
CA TYR A 115 7.58 18.66 -27.92
C TYR A 115 8.01 17.74 -29.06
N GLY A 116 7.18 17.55 -30.08
CA GLY A 116 7.61 16.81 -31.25
C GLY A 116 6.44 16.07 -31.88
N THR A 117 6.78 15.23 -32.86
CA THR A 117 5.83 14.30 -33.45
C THR A 117 5.64 13.10 -32.54
N ARG A 118 4.61 12.29 -32.84
CA ARG A 118 4.47 11.05 -32.07
C ARG A 118 5.56 10.05 -32.43
N GLN A 119 6.03 10.08 -33.68
CA GLN A 119 7.19 9.27 -34.04
C GLN A 119 8.39 9.59 -33.14
N GLN A 120 8.65 10.87 -32.90
CA GLN A 120 9.80 11.26 -32.09
C GLN A 120 9.56 10.93 -30.61
N LEU A 121 8.28 10.91 -30.20
CA LEU A 121 7.93 10.48 -28.85
C LEU A 121 8.20 8.99 -28.66
N GLN A 122 7.78 8.17 -29.63
CA GLN A 122 8.00 6.73 -29.53
C GLN A 122 9.49 6.42 -29.49
N GLN A 123 10.30 7.16 -30.25
CA GLN A 123 11.73 6.96 -30.20
C GLN A 123 12.30 7.35 -28.84
N ALA A 124 11.78 8.43 -28.25
CA ALA A 124 12.25 8.82 -26.94
C ALA A 124 11.86 7.79 -25.89
N LEU A 125 10.68 7.19 -26.01
CA LEU A 125 10.26 6.15 -25.06
C LEU A 125 11.12 4.90 -25.20
N SER A 126 11.48 4.53 -26.43
CA SER A 126 12.38 3.40 -26.62
C SER A 126 13.73 3.65 -25.95
N ALA A 127 14.27 4.85 -26.12
CA ALA A 127 15.56 5.17 -25.50
C ALA A 127 15.46 5.18 -23.98
N LEU A 128 14.36 5.67 -23.43
CA LEU A 128 14.15 5.62 -22.00
C LEU A 128 14.10 4.19 -21.49
N ASP A 129 13.38 3.32 -22.19
CA ASP A 129 13.39 1.90 -21.87
C ASP A 129 14.83 1.39 -21.80
N GLN A 130 15.62 1.70 -22.82
CA GLN A 130 17.00 1.26 -22.87
C GLN A 130 17.79 1.74 -21.66
N LEU A 131 17.49 2.93 -21.17
CA LEU A 131 18.20 3.49 -20.03
C LEU A 131 17.60 3.05 -18.70
N GLY A 132 16.55 2.23 -18.73
CA GLY A 132 15.91 1.79 -17.51
C GLY A 132 15.16 2.88 -16.80
N ILE A 133 14.60 3.84 -17.55
CA ILE A 133 13.84 4.93 -16.98
C ILE A 133 12.37 4.75 -17.34
N GLN A 134 11.51 4.82 -16.33
CA GLN A 134 10.07 4.79 -16.56
C GLN A 134 9.58 6.18 -16.93
N ALA A 135 8.63 6.25 -17.86
CA ALA A 135 8.04 7.51 -18.27
C ALA A 135 6.62 7.62 -17.73
N TYR A 136 6.29 8.78 -17.19
CA TYR A 136 4.97 9.07 -16.65
C TYR A 136 4.27 10.10 -17.52
N PHE A 137 3.05 9.77 -17.93
CA PHE A 137 2.24 10.64 -18.77
C PHE A 137 1.46 11.62 -17.91
N ASP A 138 1.53 12.89 -18.26
CA ASP A 138 0.79 13.96 -17.59
C ASP A 138 -0.59 14.05 -18.27
N VAL A 139 -1.60 13.43 -17.67
CA VAL A 139 -2.92 13.30 -18.28
C VAL A 139 -3.80 14.47 -17.85
N VAL A 140 -4.48 15.10 -18.81
CA VAL A 140 -5.36 16.22 -18.50
C VAL A 140 -6.80 15.79 -18.74
N PHE A 141 -7.45 15.30 -17.67
CA PHE A 141 -8.81 14.77 -17.73
C PHE A 141 -9.87 15.83 -17.45
N ASN A 142 -9.55 16.85 -16.65
CA ASN A 142 -10.61 17.71 -16.13
C ASN A 142 -11.39 18.43 -17.23
N HIS A 143 -10.69 18.98 -18.22
CA HIS A 143 -11.27 19.94 -19.14
C HIS A 143 -10.76 19.72 -20.56
N ARG A 144 -11.42 20.39 -21.51
CA ARG A 144 -10.98 20.50 -22.89
C ARG A 144 -11.00 21.95 -23.31
N MET A 145 -10.11 22.31 -24.22
CA MET A 145 -10.10 23.64 -24.81
C MET A 145 -9.81 23.51 -26.29
N GLY A 146 -10.15 24.58 -27.03
CA GLY A 146 -9.88 24.64 -28.45
C GLY A 146 -10.96 24.00 -29.30
N ALA A 147 -12.22 24.17 -28.90
CA ALA A 147 -13.33 23.64 -29.67
C ALA A 147 -13.28 24.15 -31.11
N ASP A 148 -13.60 23.27 -32.06
CA ASP A 148 -13.52 23.65 -33.47
C ASP A 148 -14.66 24.60 -33.86
N ALA A 149 -15.86 24.37 -33.34
CA ALA A 149 -16.99 25.23 -33.63
C ALA A 149 -17.91 25.31 -32.42
N GLN A 150 -18.86 26.23 -32.49
CA GLN A 150 -19.88 26.35 -31.45
C GLN A 150 -21.10 25.51 -31.78
N GLU A 151 -21.87 25.20 -30.75
CA GLU A 151 -23.18 24.59 -30.88
C GLU A 151 -24.22 25.47 -30.21
N HIS A 152 -25.43 25.45 -30.74
CA HIS A 152 -26.57 26.05 -30.02
C HIS A 152 -27.17 24.97 -29.14
N ILE A 153 -26.87 25.01 -27.85
CA ILE A 153 -27.42 24.07 -26.88
C ILE A 153 -28.88 24.42 -26.62
N PRO A 154 -29.83 23.52 -26.88
CA PRO A 154 -31.24 23.85 -26.71
C PRO A 154 -31.54 24.24 -25.27
N GLY A 155 -32.13 25.43 -25.10
CA GLY A 155 -32.41 25.94 -23.77
C GLY A 155 -31.20 26.42 -23.02
N PHE A 156 -30.18 26.92 -23.74
CA PHE A 156 -28.97 27.43 -23.09
C PHE A 156 -28.36 28.54 -23.93
N GLY A 157 -28.03 28.24 -25.19
CA GLY A 157 -27.42 29.20 -26.07
C GLY A 157 -26.15 28.63 -26.68
N LEU A 158 -25.30 29.52 -27.16
CA LEU A 158 -24.07 29.09 -27.82
C LEU A 158 -23.05 28.61 -26.79
N ALA A 159 -22.29 27.60 -27.19
CA ALA A 159 -21.17 27.09 -26.41
C ALA A 159 -20.12 26.53 -27.37
N TRP A 160 -18.85 26.70 -27.00
CA TRP A 160 -17.73 26.17 -27.78
C TRP A 160 -17.52 24.71 -27.40
N THR A 161 -18.33 23.83 -28.00
CA THR A 161 -18.38 22.44 -27.60
C THR A 161 -18.14 21.41 -28.70
N GLU A 162 -17.98 21.81 -29.96
CA GLU A 162 -17.90 20.84 -31.04
C GLU A 162 -16.45 20.47 -31.28
N TYR A 163 -16.06 19.25 -30.90
CA TYR A 163 -14.68 18.78 -30.96
C TYR A 163 -14.55 17.70 -32.04
N HIS A 164 -13.72 17.99 -33.06
CA HIS A 164 -13.61 17.07 -34.20
C HIS A 164 -12.75 15.85 -33.86
N LEU A 165 -11.54 16.07 -33.34
CA LEU A 165 -10.76 15.02 -32.70
C LEU A 165 -10.28 13.94 -33.69
N GLN A 166 -9.37 14.32 -34.58
CA GLN A 166 -8.90 13.38 -35.59
C GLN A 166 -8.15 12.20 -34.97
N GLY A 167 -7.35 12.45 -33.92
CA GLY A 167 -6.71 11.35 -33.23
C GLY A 167 -7.71 10.34 -32.70
N ARG A 168 -8.80 10.83 -32.10
CA ARG A 168 -9.83 9.92 -31.62
C ARG A 168 -10.42 9.10 -32.76
N GLN A 169 -10.67 9.75 -33.91
CA GLN A 169 -11.17 9.01 -35.07
C GLN A 169 -10.18 7.92 -35.49
N ALA A 170 -8.89 8.18 -35.35
CA ALA A 170 -7.91 7.23 -35.85
C ALA A 170 -7.73 6.04 -34.92
N HIS A 171 -7.79 6.27 -33.61
CA HIS A 171 -7.43 5.20 -32.67
C HIS A 171 -8.57 4.69 -31.83
N TYR A 172 -9.56 5.52 -31.47
CA TYR A 172 -10.71 5.03 -30.69
C TYR A 172 -11.71 4.41 -31.65
N THR A 173 -11.41 3.18 -32.07
CA THR A 173 -12.24 2.49 -33.04
C THR A 173 -12.81 1.22 -32.41
N GLN A 174 -13.90 0.75 -33.03
CA GLN A 174 -14.52 -0.49 -32.57
C GLN A 174 -13.58 -1.67 -32.76
N GLN A 175 -12.83 -1.70 -33.86
CA GLN A 175 -11.89 -2.78 -34.09
C GLN A 175 -10.78 -2.79 -33.04
N ASN A 176 -10.36 -1.59 -32.58
CA ASN A 176 -9.27 -1.53 -31.60
C ASN A 176 -9.72 -1.89 -30.18
N TRP A 177 -10.96 -1.58 -29.79
CA TRP A 177 -11.33 -1.59 -28.38
C TRP A 177 -12.58 -2.39 -28.02
N GLY A 178 -13.42 -2.76 -28.99
CA GLY A 178 -14.52 -3.68 -28.73
C GLY A 178 -15.49 -3.27 -27.65
N TYR A 179 -15.47 -3.96 -26.50
CA TYR A 179 -16.44 -3.69 -25.45
C TYR A 179 -16.38 -2.23 -24.97
N LEU A 180 -15.18 -1.65 -24.93
CA LEU A 180 -14.99 -0.28 -24.46
C LEU A 180 -15.33 0.77 -25.51
N TRP A 181 -15.51 0.38 -26.77
CA TRP A 181 -15.82 1.35 -27.82
C TRP A 181 -17.31 1.69 -27.82
N HIS A 182 -17.60 2.98 -27.79
CA HIS A 182 -18.96 3.47 -27.93
C HIS A 182 -19.02 4.49 -29.05
N ASP A 183 -20.10 4.44 -29.82
CA ASP A 183 -20.29 5.32 -30.97
C ASP A 183 -20.93 6.60 -30.49
N PHE A 184 -20.12 7.64 -30.31
CA PHE A 184 -20.60 8.96 -29.94
C PHE A 184 -19.54 9.98 -30.30
N ASP A 185 -19.99 11.22 -30.50
CA ASP A 185 -19.11 12.32 -30.84
C ASP A 185 -18.99 13.25 -29.64
N TRP A 186 -17.84 13.92 -29.55
CA TRP A 186 -17.64 14.87 -28.46
C TRP A 186 -18.26 16.19 -28.87
N ASN A 187 -19.48 16.42 -28.38
CA ASN A 187 -20.15 17.69 -28.52
C ASN A 187 -20.55 18.10 -27.10
N TRP A 188 -21.52 19.02 -26.98
CA TRP A 188 -21.83 19.57 -25.66
C TRP A 188 -22.28 18.49 -24.68
N THR A 189 -22.84 17.39 -25.19
CA THR A 189 -23.31 16.35 -24.27
C THR A 189 -22.17 15.53 -23.67
N ALA A 190 -20.91 15.79 -24.05
CA ALA A 190 -19.78 15.16 -23.37
C ALA A 190 -19.25 15.99 -22.21
N PHE A 191 -19.80 17.18 -21.98
CA PHE A 191 -19.30 18.09 -20.96
C PHE A 191 -20.39 18.42 -19.96
N ASN A 192 -19.97 18.84 -18.77
CA ASN A 192 -20.88 19.32 -17.74
C ASN A 192 -21.27 20.78 -17.92
N GLY A 193 -20.40 21.58 -18.53
CA GLY A 193 -20.60 23.01 -18.52
C GLY A 193 -19.28 23.72 -18.76
N SER A 194 -19.33 25.04 -18.60
CA SER A 194 -18.20 25.93 -18.80
C SER A 194 -18.53 27.23 -18.08
N ASP A 195 -17.49 28.01 -17.79
CA ASP A 195 -17.64 29.26 -17.05
C ASP A 195 -18.47 29.07 -15.79
N ASN A 196 -18.24 27.95 -15.11
CA ASN A 196 -18.93 27.57 -13.87
C ASN A 196 -20.44 27.52 -14.05
N GLN A 197 -20.91 27.22 -15.26
CA GLN A 197 -22.35 27.14 -15.56
C GLN A 197 -22.67 25.79 -16.16
N LEU A 198 -23.61 25.06 -15.56
CA LEU A 198 -23.95 23.72 -16.01
C LEU A 198 -24.78 23.74 -17.29
N TYR A 199 -24.52 22.76 -18.16
CA TYR A 199 -25.35 22.56 -19.34
C TYR A 199 -26.62 21.80 -18.94
N PRO A 200 -27.65 21.81 -19.78
CA PRO A 200 -28.92 21.19 -19.39
C PRO A 200 -28.78 19.70 -19.11
N GLY A 201 -29.44 19.25 -18.05
CA GLY A 201 -29.39 17.85 -17.67
C GLY A 201 -28.11 17.41 -17.02
N LYS A 202 -27.16 18.32 -16.79
CA LYS A 202 -25.85 17.97 -16.29
C LYS A 202 -25.72 18.28 -14.81
N TRP A 203 -24.89 17.48 -14.14
CA TRP A 203 -24.41 17.82 -12.81
C TRP A 203 -22.89 17.69 -12.81
N TRP A 204 -22.27 18.42 -11.88
CA TRP A 204 -20.82 18.56 -11.85
C TRP A 204 -20.10 17.29 -11.44
N GLY A 205 -20.78 16.33 -10.80
CA GLY A 205 -20.12 15.14 -10.30
C GLY A 205 -19.69 15.27 -8.85
N ASN A 206 -19.12 14.17 -8.34
CA ASN A 206 -18.70 14.09 -6.94
C ASN A 206 -17.21 14.43 -6.92
N THR A 207 -16.91 15.70 -6.69
CA THR A 207 -15.53 16.17 -6.78
C THR A 207 -15.10 16.66 -5.41
N PHE A 208 -13.82 16.40 -5.07
CA PHE A 208 -13.31 16.74 -3.73
C PHE A 208 -13.06 18.24 -3.61
N HIS A 209 -12.41 18.81 -4.61
CA HIS A 209 -12.25 20.24 -4.77
C HIS A 209 -13.51 20.80 -5.44
N PHE A 210 -13.56 22.11 -5.64
CA PHE A 210 -14.60 22.69 -6.48
C PHE A 210 -14.59 21.97 -7.83
N PRO A 211 -15.75 21.76 -8.48
CA PRO A 211 -15.73 21.02 -9.75
C PRO A 211 -15.16 21.81 -10.91
N TYR A 212 -15.43 23.11 -10.99
CA TYR A 212 -15.03 23.86 -12.17
C TYR A 212 -13.68 24.53 -11.97
N LEU A 213 -12.78 24.33 -12.93
CA LEU A 213 -11.51 25.03 -12.98
C LEU A 213 -11.45 25.97 -14.18
N MET A 214 -11.57 25.41 -15.39
CA MET A 214 -11.46 26.17 -16.63
C MET A 214 -11.97 25.29 -17.77
N GLY A 215 -12.02 25.87 -18.96
CA GLY A 215 -12.32 25.19 -20.21
C GLY A 215 -13.72 24.60 -20.25
N GLU A 216 -13.85 23.53 -21.02
CA GLU A 216 -15.07 22.73 -21.09
C GLU A 216 -14.90 21.56 -20.13
N ASP A 217 -15.60 21.65 -19.01
CA ASP A 217 -15.54 20.62 -17.97
C ASP A 217 -16.16 19.32 -18.47
N VAL A 218 -15.34 18.25 -18.52
CA VAL A 218 -15.77 16.96 -19.08
C VAL A 218 -16.70 16.25 -18.11
N ASP A 219 -17.78 15.65 -18.64
CA ASP A 219 -18.77 14.92 -17.83
C ASP A 219 -18.32 13.47 -17.67
N TYR A 220 -17.73 13.16 -16.52
CA TYR A 220 -17.32 11.80 -16.21
C TYR A 220 -18.41 10.99 -15.52
N ASN A 221 -19.61 11.55 -15.40
CA ASN A 221 -20.79 10.79 -14.99
C ASN A 221 -21.55 10.21 -16.18
N ARG A 222 -21.02 10.35 -17.39
CA ARG A 222 -21.57 9.70 -18.57
C ARG A 222 -20.81 8.42 -18.85
N PHE A 223 -21.55 7.30 -18.94
CA PHE A 223 -20.95 5.99 -19.16
C PHE A 223 -19.96 6.01 -20.30
N GLU A 224 -20.39 6.49 -21.48
CA GLU A 224 -19.56 6.35 -22.68
C GLU A 224 -18.24 7.08 -22.53
N VAL A 225 -18.26 8.25 -21.87
CA VAL A 225 -17.02 9.01 -21.66
C VAL A 225 -16.09 8.26 -20.73
N GLN A 226 -16.65 7.65 -19.68
CA GLN A 226 -15.85 6.83 -18.77
C GLN A 226 -15.21 5.67 -19.50
N GLN A 227 -16.02 4.93 -20.29
CA GLN A 227 -15.50 3.74 -20.95
C GLN A 227 -14.42 4.08 -21.98
N GLU A 228 -14.56 5.22 -22.65
CA GLU A 228 -13.54 5.62 -23.61
C GLU A 228 -12.22 5.91 -22.91
N MET A 229 -12.28 6.57 -21.74
CA MET A 229 -11.07 6.92 -21.01
C MET A 229 -10.34 5.68 -20.50
N LYS A 230 -11.08 4.63 -20.14
CA LYS A 230 -10.42 3.37 -19.80
C LYS A 230 -9.65 2.85 -21.00
N ALA A 231 -10.31 2.76 -22.17
CA ALA A 231 -9.62 2.40 -23.40
C ALA A 231 -8.33 3.20 -23.57
N TRP A 232 -8.40 4.51 -23.33
CA TRP A 232 -7.25 5.39 -23.56
C TRP A 232 -6.15 5.11 -22.56
N GLY A 233 -6.51 4.82 -21.31
CA GLY A 233 -5.51 4.46 -20.32
C GLY A 233 -4.74 3.23 -20.75
N GLU A 234 -5.44 2.16 -21.12
CA GLU A 234 -4.78 0.96 -21.66
C GLU A 234 -3.87 1.31 -22.84
N TRP A 235 -4.36 2.18 -23.73
CA TRP A 235 -3.57 2.58 -24.89
C TRP A 235 -2.22 3.18 -24.46
N ILE A 236 -2.26 4.20 -23.60
CA ILE A 236 -1.04 4.87 -23.14
C ILE A 236 -0.04 3.88 -22.55
N ILE A 237 -0.50 2.92 -21.75
CA ILE A 237 0.44 2.01 -21.10
C ILE A 237 0.87 0.90 -22.05
N ASN A 238 -0.09 0.13 -22.56
CA ASN A 238 0.20 -1.11 -23.27
C ASN A 238 0.57 -0.91 -24.74
N SER A 239 0.28 0.25 -25.32
CA SER A 239 0.57 0.48 -26.73
C SER A 239 1.60 1.57 -26.97
N VAL A 240 1.37 2.77 -26.43
CA VAL A 240 2.39 3.81 -26.51
C VAL A 240 3.62 3.42 -25.70
N GLY A 241 3.43 2.89 -24.51
CA GLY A 241 4.53 2.40 -23.71
C GLY A 241 4.92 3.27 -22.53
N PHE A 242 4.02 4.12 -22.05
CA PHE A 242 4.23 4.81 -20.79
C PHE A 242 4.13 3.82 -19.63
N SER A 243 4.53 4.26 -18.44
CA SER A 243 4.59 3.42 -17.26
C SER A 243 3.74 3.93 -16.10
N GLY A 244 3.02 5.03 -16.28
CA GLY A 244 2.36 5.68 -15.17
C GLY A 244 1.84 7.04 -15.56
N PHE A 245 1.27 7.71 -14.57
CA PHE A 245 0.51 8.93 -14.84
C PHE A 245 0.74 9.96 -13.74
N ARG A 246 0.89 11.21 -14.16
CA ARG A 246 0.67 12.38 -13.32
C ARG A 246 -0.71 12.91 -13.67
N MET A 247 -1.64 12.91 -12.69
CA MET A 247 -3.06 13.17 -12.97
C MET A 247 -3.36 14.64 -12.68
N ASP A 248 -3.44 15.43 -13.74
CA ASP A 248 -3.58 16.87 -13.63
C ASP A 248 -4.92 17.25 -13.00
N ALA A 249 -4.89 18.26 -12.13
CA ALA A 249 -6.10 18.94 -11.65
C ALA A 249 -7.15 17.95 -11.13
N ILE A 250 -6.69 16.80 -10.62
CA ILE A 250 -7.57 15.65 -10.47
C ILE A 250 -8.51 15.79 -9.28
N ALA A 251 -8.22 16.70 -8.35
CA ALA A 251 -9.22 16.96 -7.30
C ALA A 251 -10.49 17.58 -7.86
N HIS A 252 -10.43 18.15 -9.07
CA HIS A 252 -11.60 18.73 -9.73
C HIS A 252 -12.42 17.72 -10.50
N VAL A 253 -11.92 16.49 -10.65
CA VAL A 253 -12.50 15.45 -11.46
C VAL A 253 -13.27 14.50 -10.55
N ASP A 254 -14.40 14.00 -11.05
CA ASP A 254 -15.23 13.09 -10.26
C ASP A 254 -14.40 11.99 -9.58
N THR A 255 -14.51 11.91 -8.25
CA THR A 255 -13.69 10.95 -7.51
C THR A 255 -13.99 9.51 -7.91
N ASP A 256 -15.24 9.20 -8.27
CA ASP A 256 -15.59 7.81 -8.53
C ASP A 256 -15.05 7.35 -9.89
N PHE A 257 -15.20 8.17 -10.93
CA PHE A 257 -14.46 7.90 -12.16
C PHE A 257 -12.98 7.72 -11.87
N THR A 258 -12.39 8.67 -11.16
CA THR A 258 -10.95 8.60 -10.85
C THR A 258 -10.58 7.21 -10.31
N ARG A 259 -11.28 6.75 -9.27
CA ARG A 259 -10.98 5.43 -8.72
C ARG A 259 -11.20 4.32 -9.74
N ASP A 260 -12.35 4.34 -10.43
CA ASP A 260 -12.66 3.30 -11.42
C ASP A 260 -11.65 3.28 -12.56
N TRP A 261 -11.25 4.44 -13.06
CA TRP A 261 -10.24 4.47 -14.11
C TRP A 261 -8.91 3.88 -13.60
N ILE A 262 -8.40 4.37 -12.46
CA ILE A 262 -7.13 3.86 -11.95
C ILE A 262 -7.18 2.34 -11.85
N ASN A 263 -8.23 1.83 -11.18
CA ASN A 263 -8.37 0.40 -10.95
C ASN A 263 -8.45 -0.37 -12.26
N HIS A 264 -9.23 0.15 -13.23
CA HIS A 264 -9.31 -0.53 -14.51
C HIS A 264 -7.95 -0.59 -15.18
N VAL A 265 -7.29 0.56 -15.31
CA VAL A 265 -5.95 0.56 -15.93
C VAL A 265 -5.01 -0.38 -15.17
N GLN A 266 -5.06 -0.36 -13.83
CA GLN A 266 -4.11 -1.20 -13.09
C GLN A 266 -4.35 -2.67 -13.37
N TRP A 267 -5.62 -3.09 -13.41
CA TRP A 267 -5.94 -4.49 -13.69
C TRP A 267 -5.59 -4.88 -15.12
N ALA A 268 -5.70 -3.97 -16.06
CA ALA A 268 -5.41 -4.23 -17.47
C ALA A 268 -3.93 -4.15 -17.82
N THR A 269 -3.05 -3.93 -16.86
CA THR A 269 -1.62 -3.79 -17.15
C THR A 269 -0.81 -4.80 -16.35
N SER A 270 0.07 -5.53 -17.04
CA SER A 270 0.86 -6.55 -16.36
C SER A 270 1.87 -5.95 -15.40
N GLU A 271 2.39 -4.77 -15.71
CA GLU A 271 3.34 -4.05 -14.87
C GLU A 271 2.59 -3.30 -13.76
N ASP A 272 3.34 -2.86 -12.74
CA ASP A 272 2.76 -2.13 -11.62
C ASP A 272 2.77 -0.65 -11.96
N VAL A 273 1.62 -0.13 -12.36
CA VAL A 273 1.54 1.21 -12.95
C VAL A 273 1.55 2.25 -11.84
N PHE A 274 2.21 3.38 -12.11
CA PHE A 274 2.43 4.45 -11.15
C PHE A 274 1.38 5.55 -11.34
N PHE A 275 0.81 6.04 -10.25
CA PHE A 275 -0.22 7.08 -10.31
C PHE A 275 0.05 8.12 -9.23
N VAL A 276 0.27 9.37 -9.63
CA VAL A 276 0.40 10.45 -8.66
C VAL A 276 -0.61 11.54 -8.99
N ALA A 277 -1.40 11.90 -8.00
CA ALA A 277 -2.44 12.92 -8.14
C ALA A 277 -1.86 14.30 -7.93
N GLU A 278 -2.21 15.26 -8.80
CA GLU A 278 -2.05 16.67 -8.45
C GLU A 278 -3.36 17.09 -7.78
N ALA A 279 -3.44 16.85 -6.47
CA ALA A 279 -4.59 17.23 -5.66
C ALA A 279 -4.14 18.42 -4.81
N TRP A 280 -4.26 19.62 -5.39
CA TRP A 280 -3.77 20.85 -4.76
C TRP A 280 -4.88 21.45 -3.89
N VAL A 281 -5.18 20.71 -2.82
CA VAL A 281 -6.28 21.04 -1.94
C VAL A 281 -5.75 21.14 -0.50
N SER A 282 -6.64 21.59 0.39
CA SER A 282 -6.27 21.85 1.78
C SER A 282 -6.07 20.55 2.56
N ASP A 283 -6.79 19.49 2.20
CA ASP A 283 -6.81 18.23 2.96
C ASP A 283 -6.52 17.07 2.02
N ILE A 284 -5.24 16.90 1.66
CA ILE A 284 -4.83 15.82 0.77
C ILE A 284 -5.11 14.45 1.38
N ASN A 285 -4.98 14.31 2.72
CA ASN A 285 -5.30 13.03 3.33
C ASN A 285 -6.75 12.62 3.04
N GLY A 286 -7.68 13.56 3.25
CA GLY A 286 -9.07 13.29 2.99
C GLY A 286 -9.38 13.06 1.53
N TYR A 287 -8.60 13.67 0.63
CA TYR A 287 -8.78 13.39 -0.80
C TYR A 287 -8.40 11.94 -1.11
N LEU A 288 -7.27 11.46 -0.58
CA LEU A 288 -6.82 10.11 -0.90
C LEU A 288 -7.75 9.07 -0.26
N ASP A 289 -8.39 9.43 0.85
CA ASP A 289 -9.34 8.53 1.47
C ASP A 289 -10.65 8.50 0.71
N ALA A 290 -10.99 9.63 0.05
CA ALA A 290 -12.21 9.66 -0.74
C ALA A 290 -12.08 8.83 -2.01
N VAL A 291 -10.93 8.92 -2.69
CA VAL A 291 -10.73 8.15 -3.91
C VAL A 291 -10.55 6.68 -3.60
N ASN A 292 -9.81 6.36 -2.53
CA ASN A 292 -9.82 5.03 -1.91
C ASN A 292 -9.35 3.93 -2.88
N THR A 293 -8.20 4.16 -3.51
CA THR A 293 -7.48 3.07 -4.15
C THR A 293 -6.02 3.12 -3.70
N PRO A 294 -5.44 1.98 -3.33
CA PRO A 294 -4.05 1.98 -2.84
C PRO A 294 -3.04 2.42 -3.88
N HIS A 295 -3.41 2.43 -5.16
CA HIS A 295 -2.50 2.76 -6.25
C HIS A 295 -2.24 4.24 -6.40
N LEU A 296 -3.04 5.10 -5.77
CA LEU A 296 -2.93 6.54 -5.98
C LEU A 296 -2.01 7.18 -4.93
N ARG A 297 -0.97 7.83 -5.41
CA ARG A 297 -0.15 8.73 -4.62
C ARG A 297 -0.59 10.17 -4.87
N ALA A 298 -0.06 11.09 -4.05
CA ALA A 298 -0.36 12.51 -4.21
C ALA A 298 0.87 13.36 -3.92
N PHE A 299 0.93 14.51 -4.60
CA PHE A 299 2.01 15.47 -4.37
C PHE A 299 1.87 16.13 -3.01
N ASP A 300 3.00 16.31 -2.33
CA ASP A 300 3.04 16.82 -0.96
C ASP A 300 3.19 18.34 -1.00
N PHE A 301 2.06 19.02 -1.24
CA PHE A 301 2.11 20.48 -1.33
C PHE A 301 2.40 21.10 0.03
N ASN A 302 1.94 20.48 1.12
CA ASN A 302 2.07 21.09 2.43
C ASN A 302 3.53 21.13 2.91
N LEU A 303 4.35 20.15 2.52
CA LEU A 303 5.74 20.10 2.96
C LEU A 303 6.52 21.29 2.42
N ARG A 304 6.12 21.80 1.27
CA ARG A 304 6.76 22.98 0.71
C ARG A 304 6.66 24.17 1.63
N GLU A 305 5.65 24.21 2.50
CA GLU A 305 5.56 25.34 3.42
C GLU A 305 6.75 25.35 4.38
N ASP A 306 7.29 24.17 4.71
CA ASP A 306 8.47 24.10 5.57
C ASP A 306 9.71 24.63 4.85
N PHE A 307 9.80 24.38 3.54
CA PHE A 307 10.93 24.87 2.75
C PHE A 307 10.87 26.38 2.55
N VAL A 308 9.66 26.94 2.48
CA VAL A 308 9.52 28.39 2.49
C VAL A 308 10.10 28.97 3.77
N ALA A 309 9.71 28.40 4.92
CA ALA A 309 10.32 28.79 6.20
C ALA A 309 11.82 28.54 6.20
N LEU A 310 12.26 27.38 5.70
CA LEU A 310 13.68 27.05 5.68
C LEU A 310 14.49 28.10 4.94
N SER A 311 13.93 28.63 3.84
CA SER A 311 14.65 29.55 2.96
C SER A 311 15.00 30.85 3.70
N SER A 312 14.25 31.19 4.75
CA SER A 312 14.47 32.44 5.46
C SER A 312 15.82 32.49 6.18
N GLY A 313 16.46 31.34 6.45
CA GLY A 313 17.60 31.29 7.34
C GLY A 313 17.27 31.33 8.81
N SER A 314 15.98 31.32 9.18
CA SER A 314 15.56 31.44 10.56
C SER A 314 14.53 30.37 10.94
N LYS A 315 14.46 29.26 10.22
CA LYS A 315 13.47 28.23 10.54
C LYS A 315 13.95 27.45 11.77
N ASP A 316 13.02 27.07 12.63
CA ASP A 316 13.34 26.13 13.70
C ASP A 316 13.38 24.74 13.08
N MET A 317 14.59 24.19 12.93
CA MET A 317 14.82 22.94 12.22
C MET A 317 14.30 21.70 12.96
N ARG A 318 13.76 21.84 14.17
CA ARG A 318 13.16 20.71 14.87
C ARG A 318 11.81 20.30 14.30
N TRP A 319 11.09 21.19 13.63
CA TRP A 319 9.69 20.99 13.32
C TRP A 319 9.50 20.79 11.82
N TRP A 320 8.70 19.77 11.46
CA TRP A 320 8.40 19.46 10.06
C TRP A 320 7.00 18.89 9.93
N GLY A 321 6.28 19.36 8.92
CA GLY A 321 4.94 18.88 8.61
C GLY A 321 4.88 18.05 7.35
N GLY A 322 3.88 18.29 6.52
CA GLY A 322 3.90 17.60 5.24
C GLY A 322 3.10 16.32 5.24
N LEU A 323 2.55 15.98 4.07
CA LEU A 323 1.99 14.66 3.85
C LEU A 323 3.00 13.56 4.12
N VAL A 324 4.28 13.84 3.84
CA VAL A 324 5.34 12.86 4.04
C VAL A 324 5.54 12.54 5.52
N ASN A 325 4.99 13.35 6.42
CA ASN A 325 5.04 13.05 7.85
C ASN A 325 3.65 12.73 8.42
N SER A 326 2.70 12.41 7.55
CA SER A 326 1.33 12.10 7.94
C SER A 326 1.08 10.60 7.91
N GLN A 327 -0.19 10.22 8.18
CA GLN A 327 -0.68 8.85 8.04
C GLN A 327 -0.75 8.36 6.59
N HIS A 328 -0.65 9.25 5.61
CA HIS A 328 -0.53 8.87 4.21
C HIS A 328 0.90 9.05 3.66
N ARG A 329 1.91 9.01 4.55
CA ARG A 329 3.29 9.24 4.12
C ARG A 329 3.71 8.29 3.00
N ASP A 330 3.30 7.03 3.07
CA ASP A 330 3.72 6.06 2.07
C ASP A 330 3.16 6.39 0.67
N ARG A 331 2.18 7.29 0.58
CA ARG A 331 1.60 7.70 -0.69
C ARG A 331 2.01 9.12 -1.07
N ALA A 332 3.00 9.69 -0.39
CA ALA A 332 3.45 11.04 -0.72
C ALA A 332 4.42 11.00 -1.89
N VAL A 333 4.31 11.99 -2.78
CA VAL A 333 5.35 12.31 -3.75
C VAL A 333 5.88 13.69 -3.38
N THR A 334 7.12 13.75 -2.87
CA THR A 334 7.67 14.99 -2.33
C THR A 334 8.42 15.78 -3.41
N PHE A 335 8.44 17.09 -3.24
CA PHE A 335 9.12 17.98 -4.18
C PHE A 335 9.43 19.29 -3.47
N VAL A 336 10.34 20.07 -4.06
CA VAL A 336 10.64 21.43 -3.60
C VAL A 336 9.92 22.48 -4.41
N ASP A 337 9.88 22.32 -5.73
CA ASP A 337 9.21 23.28 -6.60
C ASP A 337 8.68 22.54 -7.82
N ASN A 338 7.62 23.09 -8.43
CA ASN A 338 7.25 22.60 -9.76
C ASN A 338 7.02 23.79 -10.68
N HIS A 339 6.44 23.53 -11.86
CA HIS A 339 6.21 24.53 -12.88
C HIS A 339 5.12 25.53 -12.51
N ASP A 340 4.34 25.25 -11.48
CA ASP A 340 3.34 26.18 -10.98
C ASP A 340 3.86 27.04 -9.84
N THR A 341 4.64 26.45 -8.90
CA THR A 341 5.17 27.17 -7.75
C THR A 341 6.41 27.99 -8.10
N SER A 342 7.23 27.52 -9.05
CA SER A 342 8.45 28.25 -9.41
C SER A 342 8.39 28.61 -10.90
N ARG A 343 8.07 29.86 -11.18
CA ARG A 343 7.94 30.28 -12.57
C ARG A 343 8.21 31.77 -12.68
N ALA A 344 8.91 32.18 -13.76
CA ALA A 344 9.10 33.60 -14.02
C ALA A 344 7.76 34.34 -13.94
N GLY A 345 7.72 35.39 -13.11
CA GLY A 345 6.51 36.15 -12.88
C GLY A 345 5.67 35.69 -11.70
N ASN A 346 5.87 34.48 -11.22
CA ASN A 346 5.08 33.93 -10.10
C ASN A 346 3.58 34.06 -10.35
N PRO A 347 3.03 33.26 -11.25
CA PRO A 347 1.64 33.46 -11.69
C PRO A 347 0.58 33.17 -10.62
N TYR A 348 0.91 32.41 -9.58
CA TYR A 348 -0.10 32.03 -8.60
C TYR A 348 0.19 32.57 -7.22
N GLY A 349 1.17 33.45 -7.11
CA GLY A 349 1.41 34.15 -5.87
C GLY A 349 2.06 33.32 -4.79
N MET A 350 2.79 32.25 -5.15
CA MET A 350 3.31 31.36 -4.12
C MET A 350 4.62 31.93 -3.55
N PRO A 351 4.84 31.81 -2.24
CA PRO A 351 6.16 32.17 -1.70
C PRO A 351 7.25 31.29 -2.31
N GLN A 352 8.45 31.87 -2.45
CA GLN A 352 9.53 31.19 -3.16
C GLN A 352 10.55 30.61 -2.19
N VAL A 353 11.15 29.50 -2.59
CA VAL A 353 12.23 28.87 -1.81
C VAL A 353 13.53 29.38 -2.40
N ILE A 354 13.96 30.56 -1.94
CA ILE A 354 15.11 31.26 -2.51
C ILE A 354 16.42 30.55 -2.18
N ASN A 355 16.59 30.12 -0.93
CA ASN A 355 17.85 29.65 -0.37
C ASN A 355 17.61 28.33 0.37
N TYR A 356 18.71 27.70 0.82
CA TYR A 356 18.66 26.41 1.53
C TYR A 356 17.94 25.35 0.71
N LYS A 357 18.04 25.50 -0.62
CA LYS A 357 17.38 24.57 -1.53
C LYS A 357 18.06 23.22 -1.58
N ASN A 358 19.39 23.17 -1.43
CA ASN A 358 20.06 21.88 -1.34
C ASN A 358 19.65 21.12 -0.08
N GLN A 359 19.40 21.85 1.01
CA GLN A 359 18.95 21.24 2.26
C GLN A 359 17.55 20.67 2.10
N ALA A 360 16.68 21.40 1.41
CA ALA A 360 15.35 20.88 1.09
C ALA A 360 15.46 19.59 0.29
N TYR A 361 16.29 19.58 -0.74
CA TYR A 361 16.41 18.41 -1.59
C TYR A 361 16.96 17.22 -0.83
N ALA A 362 18.04 17.42 -0.07
CA ALA A 362 18.49 16.39 0.87
C ALA A 362 17.31 15.80 1.64
N TYR A 363 16.48 16.65 2.24
CA TYR A 363 15.37 16.20 3.09
C TYR A 363 14.41 15.27 2.33
N ILE A 364 14.00 15.65 1.11
CA ILE A 364 13.04 14.80 0.41
C ILE A 364 13.73 13.58 -0.20
N LEU A 365 15.03 13.65 -0.43
CA LEU A 365 15.68 12.57 -1.18
C LEU A 365 16.10 11.41 -0.29
N LEU A 366 16.51 11.68 0.95
CA LEU A 366 17.19 10.67 1.75
C LEU A 366 16.34 10.06 2.86
N ARG A 367 15.20 10.66 3.18
CA ARG A 367 14.35 10.08 4.21
C ARG A 367 13.55 8.91 3.62
N GLU A 368 13.03 8.07 4.52
CA GLU A 368 12.58 6.73 4.13
C GLU A 368 11.22 6.74 3.42
N HIS A 369 10.36 7.72 3.68
CA HIS A 369 9.01 7.70 3.10
C HIS A 369 8.91 8.66 1.92
N GLY A 370 7.95 8.38 1.06
CA GLY A 370 7.72 9.22 -0.10
C GLY A 370 8.58 8.83 -1.29
N VAL A 371 8.16 9.32 -2.45
CA VAL A 371 8.96 9.29 -3.67
C VAL A 371 9.28 10.74 -4.02
N PRO A 372 10.55 11.09 -4.20
CA PRO A 372 10.91 12.48 -4.39
C PRO A 372 10.95 12.88 -5.86
N THR A 373 10.79 14.18 -6.09
CA THR A 373 10.88 14.77 -7.43
C THR A 373 12.00 15.81 -7.50
N VAL A 374 12.91 15.59 -8.42
CA VAL A 374 13.89 16.62 -8.79
C VAL A 374 13.33 17.44 -9.96
N PHE A 375 13.24 18.77 -9.77
CA PHE A 375 12.65 19.72 -10.72
C PHE A 375 13.66 20.20 -11.75
N ALA A 376 13.28 20.10 -13.03
CA ALA A 376 14.18 20.52 -14.11
C ALA A 376 14.60 21.97 -13.98
N ARG A 377 13.74 22.83 -13.43
CA ARG A 377 14.16 24.23 -13.35
C ARG A 377 15.32 24.39 -12.37
N ASP A 378 15.30 23.63 -11.28
CA ASP A 378 16.39 23.70 -10.31
C ASP A 378 17.68 23.09 -10.87
N TYR A 379 17.58 21.89 -11.43
CA TYR A 379 18.74 21.20 -12.00
C TYR A 379 19.37 22.01 -13.13
N ASP A 380 18.54 22.50 -14.06
CA ASP A 380 19.02 23.11 -15.30
C ASP A 380 19.13 24.62 -15.18
N GLU A 381 18.00 25.34 -15.28
CA GLU A 381 18.04 26.80 -15.29
C GLU A 381 18.81 27.37 -14.08
N PHE A 382 18.49 26.89 -12.87
CA PHE A 382 19.16 27.45 -11.69
C PHE A 382 20.53 26.84 -11.46
N GLY A 383 20.97 25.88 -12.27
CA GLY A 383 22.32 25.38 -12.20
C GLY A 383 22.65 24.56 -10.96
N MET A 384 21.68 23.85 -10.41
CA MET A 384 21.91 23.04 -9.22
C MET A 384 22.42 21.64 -9.51
N ALA A 385 22.59 21.29 -10.79
CA ALA A 385 23.04 19.94 -11.14
C ALA A 385 24.27 19.48 -10.35
N PRO A 386 25.37 20.26 -10.25
CA PRO A 386 26.54 19.74 -9.52
C PRO A 386 26.19 19.17 -8.16
N THR A 387 25.47 19.93 -7.33
CA THR A 387 25.14 19.47 -5.98
C THR A 387 24.02 18.45 -5.98
N LEU A 388 23.01 18.64 -6.84
CA LEU A 388 21.93 17.66 -6.88
C LEU A 388 22.42 16.31 -7.41
N ASP A 389 23.48 16.30 -8.22
CA ASP A 389 23.99 15.04 -8.73
C ASP A 389 24.44 14.12 -7.61
N LYS A 390 25.08 14.69 -6.58
CA LYS A 390 25.60 13.87 -5.50
C LYS A 390 24.49 13.45 -4.53
N LEU A 391 23.46 14.29 -4.37
CA LEU A 391 22.32 13.90 -3.56
C LEU A 391 21.43 12.88 -4.27
N ILE A 392 21.36 12.90 -5.60
CA ILE A 392 20.62 11.84 -6.30
C ILE A 392 21.36 10.52 -6.19
N GLU A 393 22.68 10.52 -6.38
CA GLU A 393 23.46 9.31 -6.18
C GLU A 393 23.39 8.83 -4.75
N ALA A 394 23.31 9.77 -3.80
CA ALA A 394 23.16 9.41 -2.40
C ALA A 394 21.86 8.66 -2.16
N ARG A 395 20.78 9.05 -2.86
CA ARG A 395 19.52 8.30 -2.74
C ARG A 395 19.61 6.96 -3.45
N ARG A 396 20.09 6.97 -4.69
CA ARG A 396 20.16 5.74 -5.48
C ARG A 396 20.96 4.67 -4.77
N TYR A 397 22.09 5.05 -4.16
CA TYR A 397 23.06 4.05 -3.75
C TYR A 397 23.10 3.77 -2.25
N PHE A 398 22.71 4.73 -1.40
CA PHE A 398 22.92 4.60 0.04
C PHE A 398 21.67 4.68 0.89
N ALA A 399 20.56 5.22 0.38
CA ALA A 399 19.41 5.52 1.24
C ALA A 399 18.50 4.29 1.31
N TYR A 400 18.90 3.33 2.15
CA TYR A 400 18.19 2.07 2.28
C TYR A 400 18.15 1.63 3.73
N GLY A 401 17.22 0.72 4.03
CA GLY A 401 17.05 0.22 5.37
C GLY A 401 16.24 1.21 6.21
N PRO A 402 15.98 0.85 7.46
CA PRO A 402 15.10 1.68 8.29
C PRO A 402 15.65 3.08 8.53
N GLY A 403 14.73 4.04 8.60
CA GLY A 403 15.06 5.40 8.94
C GLY A 403 14.80 5.68 10.41
N HIS A 404 15.57 6.63 10.96
CA HIS A 404 15.39 7.07 12.33
C HIS A 404 15.52 8.58 12.42
N GLU A 405 14.57 9.21 13.10
CA GLU A 405 14.72 10.60 13.50
C GLU A 405 15.77 10.72 14.62
N TYR A 406 16.22 11.96 14.83
CA TYR A 406 17.29 12.31 15.77
C TYR A 406 16.73 13.13 16.94
N SER A 407 16.95 12.63 18.17
CA SER A 407 16.42 13.33 19.33
C SER A 407 17.14 14.64 19.59
N GLY A 408 18.38 14.79 19.12
CA GLY A 408 19.15 15.98 19.38
C GLY A 408 19.12 17.05 18.31
N ASN A 409 18.07 17.08 17.47
CA ASN A 409 17.83 18.20 16.58
C ASN A 409 17.79 19.50 17.38
N THR A 410 18.41 20.53 16.82
CA THR A 410 18.35 21.87 17.39
C THR A 410 17.56 22.81 16.49
N GLU A 411 17.30 24.01 17.00
CA GLU A 411 16.68 25.07 16.20
C GLU A 411 17.45 25.32 14.92
N ALA A 412 18.73 24.96 14.88
CA ALA A 412 19.61 25.27 13.77
C ALA A 412 19.93 24.07 12.90
N VAL A 413 19.80 22.84 13.41
CA VAL A 413 20.24 21.64 12.70
C VAL A 413 19.16 20.58 12.78
N TYR A 414 18.86 19.96 11.64
CA TYR A 414 18.07 18.74 11.53
C TYR A 414 18.99 17.60 11.08
N ALA A 415 18.83 16.43 11.68
CA ALA A 415 19.60 15.26 11.27
C ALA A 415 18.68 14.06 11.18
N TYR A 416 19.19 12.99 10.57
CA TYR A 416 18.36 11.84 10.20
C TYR A 416 19.30 10.73 9.77
N VAL A 417 18.88 9.49 10.00
CA VAL A 417 19.74 8.34 9.81
C VAL A 417 19.05 7.31 8.94
N ARG A 418 19.80 6.72 8.03
CA ARG A 418 19.36 5.53 7.30
C ARG A 418 20.26 4.40 7.73
N GLU A 419 19.66 3.34 8.24
CA GLU A 419 20.39 2.27 8.88
C GLU A 419 21.16 1.43 7.87
N GLY A 420 20.72 1.40 6.59
CA GLY A 420 21.38 0.57 5.60
C GLY A 420 20.81 -0.83 5.56
N LEU A 421 21.35 -1.64 4.66
CA LEU A 421 20.88 -3.01 4.45
C LEU A 421 21.91 -3.99 4.97
N SER A 422 21.43 -5.00 5.72
CA SER A 422 22.32 -6.04 6.21
C SER A 422 22.90 -6.84 5.06
N THR A 423 22.11 -7.07 4.01
CA THR A 423 22.54 -7.86 2.88
C THR A 423 23.53 -7.12 1.99
N VAL A 424 23.59 -5.79 2.06
CA VAL A 424 24.43 -5.01 1.16
C VAL A 424 25.38 -4.13 1.98
N PRO A 425 26.56 -4.63 2.34
CA PRO A 425 27.52 -3.80 3.09
C PRO A 425 27.87 -2.53 2.34
N GLY A 426 27.94 -1.43 3.10
CA GLY A 426 28.25 -0.14 2.53
C GLY A 426 27.06 0.76 2.33
N THR A 427 25.84 0.29 2.61
CA THR A 427 24.69 1.17 2.50
C THR A 427 24.44 1.88 3.83
N GLY A 428 23.50 2.82 3.79
CA GLY A 428 23.14 3.62 4.94
C GLY A 428 23.81 4.98 4.93
N LEU A 429 23.28 5.89 5.73
CA LEU A 429 23.77 7.26 5.69
C LEU A 429 23.32 8.00 6.92
N VAL A 430 24.08 9.05 7.25
CA VAL A 430 23.76 9.98 8.32
C VAL A 430 23.76 11.36 7.72
N MET A 431 22.57 11.96 7.60
CA MET A 431 22.47 13.27 6.96
C MET A 431 22.24 14.33 8.03
N LEU A 432 22.78 15.50 7.79
CA LEU A 432 22.48 16.66 8.63
C LEU A 432 22.25 17.83 7.69
N ILE A 433 21.41 18.77 8.10
CA ILE A 433 21.20 19.97 7.29
C ILE A 433 21.14 21.18 8.20
N SER A 434 21.90 22.21 7.84
CA SER A 434 21.87 23.51 8.52
C SER A 434 20.79 24.38 7.94
N GLY A 435 20.11 25.14 8.79
CA GLY A 435 19.22 26.18 8.31
C GLY A 435 19.73 27.56 8.69
N ARG A 436 21.03 27.65 8.93
CA ARG A 436 21.66 28.85 9.41
C ARG A 436 22.85 29.18 8.52
N ASN A 437 23.23 30.45 8.53
CA ASN A 437 24.37 30.88 7.74
C ASN A 437 25.38 31.57 8.62
N TRP A 438 25.87 30.87 9.65
CA TRP A 438 26.81 31.43 10.60
C TRP A 438 28.26 31.24 10.21
N GLY A 439 28.58 30.20 9.43
CA GLY A 439 29.95 29.80 9.20
C GLY A 439 30.44 28.84 10.26
N GLY A 440 31.51 28.10 9.91
CA GLY A 440 32.10 27.11 10.81
C GLY A 440 31.30 25.82 10.84
N GLN A 441 31.71 24.93 11.73
CA GLN A 441 31.09 23.61 11.86
C GLN A 441 30.62 23.35 13.28
N GLN A 442 29.65 22.43 13.38
CA GLN A 442 29.12 21.88 14.63
C GLN A 442 29.07 20.36 14.48
N SER A 443 29.36 19.64 15.56
CA SER A 443 29.28 18.18 15.52
C SER A 443 28.16 17.69 16.43
N PHE A 444 27.60 16.53 16.06
CA PHE A 444 26.42 15.97 16.71
C PHE A 444 26.64 14.48 16.95
N THR A 445 26.45 14.04 18.20
CA THR A 445 26.55 12.62 18.53
C THR A 445 25.27 11.91 18.14
N ILE A 446 25.37 10.94 17.23
CA ILE A 446 24.22 10.33 16.56
C ILE A 446 24.48 8.84 16.45
N ASN A 447 23.45 8.03 16.72
CA ASN A 447 23.57 6.59 16.50
C ASN A 447 23.35 6.29 15.03
N SER A 448 24.42 5.91 14.32
CA SER A 448 24.35 5.49 12.93
C SER A 448 23.82 4.07 12.74
N HIS A 449 23.68 3.30 13.82
CA HIS A 449 23.28 1.89 13.79
C HIS A 449 24.30 1.00 13.08
N GLN A 450 25.51 1.50 12.83
CA GLN A 450 26.60 0.74 12.22
C GLN A 450 27.82 0.83 13.13
N PRO A 451 28.05 -0.17 13.98
CA PRO A 451 29.21 -0.12 14.89
C PRO A 451 30.53 -0.13 14.15
N ASN A 452 31.53 0.51 14.75
CA ASN A 452 32.92 0.42 14.29
C ASN A 452 33.02 0.66 12.78
N THR A 453 32.34 1.70 12.32
CA THR A 453 32.30 1.99 10.90
C THR A 453 32.82 3.39 10.64
N THR A 454 33.65 3.54 9.62
CA THR A 454 34.21 4.83 9.23
C THR A 454 33.37 5.42 8.10
N PHE A 455 32.84 6.61 8.33
CA PHE A 455 32.03 7.33 7.35
C PHE A 455 32.84 8.47 6.71
N TYR A 456 32.38 8.91 5.54
CA TYR A 456 32.89 10.09 4.88
C TYR A 456 31.71 10.83 4.25
N ASP A 457 31.87 12.12 4.01
CA ASP A 457 30.78 12.98 3.57
C ASP A 457 30.67 12.88 2.05
N TYR A 458 29.62 12.21 1.59
CA TYR A 458 29.41 12.01 0.15
C TYR A 458 29.25 13.33 -0.57
N THR A 459 28.86 14.38 0.13
CA THR A 459 28.71 15.67 -0.52
C THR A 459 30.05 16.38 -0.65
N GLY A 460 31.05 15.95 0.12
CA GLY A 460 32.30 16.64 0.17
C GLY A 460 32.25 17.96 0.88
N ASN A 461 31.13 18.31 1.51
CA ASN A 461 31.04 19.63 2.13
C ASN A 461 31.85 19.71 3.43
N VAL A 462 32.00 18.61 4.15
CA VAL A 462 32.89 18.51 5.31
C VAL A 462 34.02 17.55 4.97
N SER A 463 35.25 17.97 5.20
CA SER A 463 36.39 17.12 4.94
C SER A 463 36.58 16.12 6.07
N GLY A 464 37.11 14.95 5.73
CA GLY A 464 37.56 13.98 6.70
C GLY A 464 36.59 12.84 6.85
N THR A 465 36.79 12.09 7.95
CA THR A 465 36.05 10.89 8.23
C THR A 465 35.46 10.94 9.63
N VAL A 466 34.43 10.12 9.85
CA VAL A 466 33.85 9.92 11.17
C VAL A 466 33.87 8.43 11.47
N THR A 467 34.29 8.08 12.68
CA THR A 467 34.41 6.70 13.12
C THR A 467 33.44 6.50 14.27
N THR A 468 32.53 5.53 14.14
CA THR A 468 31.56 5.20 15.17
C THR A 468 32.13 4.16 16.14
N ASN A 469 31.58 4.17 17.36
CA ASN A 469 32.03 3.26 18.41
C ASN A 469 31.29 1.92 18.35
N ALA A 470 31.57 1.07 19.34
CA ALA A 470 31.01 -0.28 19.35
C ALA A 470 29.48 -0.29 19.35
N GLN A 471 28.84 0.77 19.83
CA GLN A 471 27.39 0.84 19.87
C GLN A 471 26.80 1.59 18.68
N GLY A 472 27.64 2.09 17.77
CA GLY A 472 27.17 2.71 16.54
C GLY A 472 27.17 4.22 16.54
N TYR A 473 27.52 4.85 17.66
CA TYR A 473 27.48 6.30 17.77
C TYR A 473 28.75 6.94 17.24
N GLY A 474 28.59 8.00 16.45
CA GLY A 474 29.69 8.82 16.02
C GLY A 474 29.41 10.28 16.32
N SER A 475 30.42 11.12 16.08
CA SER A 475 30.32 12.56 16.24
C SER A 475 30.35 13.14 14.83
N PHE A 476 29.17 13.42 14.27
CA PHE A 476 29.06 13.79 12.86
C PHE A 476 28.95 15.31 12.70
N PRO A 477 29.87 15.95 11.99
CA PRO A 477 29.82 17.40 11.80
C PRO A 477 28.95 17.81 10.61
N VAL A 478 28.49 19.07 10.67
CA VAL A 478 27.83 19.72 9.54
C VAL A 478 28.27 21.18 9.49
N THR A 479 28.39 21.72 8.29
CA THR A 479 28.78 23.13 8.13
C THR A 479 27.56 24.02 8.35
N MET A 480 27.74 25.07 9.15
CA MET A 480 26.64 26.00 9.44
C MET A 480 26.56 27.14 8.41
N THR A 481 26.33 26.75 7.16
CA THR A 481 26.18 27.72 6.08
C THR A 481 24.98 27.37 5.20
N GLU A 482 24.53 28.37 4.44
CA GLU A 482 23.56 28.09 3.38
C GLU A 482 24.19 27.29 2.26
N SER A 483 25.28 27.81 1.68
CA SER A 483 25.74 27.27 0.40
C SER A 483 26.41 25.92 0.52
N THR A 484 26.86 25.52 1.72
CA THR A 484 27.46 24.21 1.90
C THR A 484 26.85 23.45 3.06
N GLY A 485 25.76 23.95 3.64
CA GLY A 485 25.29 23.43 4.90
C GLY A 485 24.42 22.19 4.86
N TRP A 486 24.89 21.13 4.21
CA TRP A 486 24.26 19.82 4.31
C TRP A 486 25.38 18.81 4.15
N SER A 487 25.33 17.73 4.92
CA SER A 487 26.33 16.68 4.82
C SER A 487 25.66 15.33 4.81
N VAL A 488 26.25 14.41 4.04
CA VAL A 488 25.67 13.09 3.90
C VAL A 488 26.76 12.07 4.06
N TRP A 489 26.90 11.59 5.30
CA TRP A 489 27.96 10.67 5.68
C TRP A 489 27.60 9.23 5.32
N VAL A 490 28.49 8.59 4.59
CA VAL A 490 28.26 7.23 4.10
C VAL A 490 29.47 6.38 4.41
N PRO A 491 29.29 5.07 4.50
CA PRO A 491 30.41 4.18 4.85
C PRO A 491 31.50 4.22 3.79
N GLN A 492 32.75 4.34 4.24
CA GLN A 492 33.90 4.10 3.38
C GLN A 492 33.81 2.71 2.76
N SER A 493 34.36 2.55 1.57
CA SER A 493 34.38 1.22 0.94
C SER A 493 35.69 0.49 1.25
N LEU B 34 -9.75 -25.69 -15.44
CA LEU B 34 -9.80 -24.52 -14.57
C LEU B 34 -8.87 -23.45 -15.12
N PRO B 35 -9.29 -22.18 -15.06
CA PRO B 35 -8.43 -21.11 -15.58
C PRO B 35 -7.08 -21.10 -14.87
N GLN B 36 -6.06 -20.76 -15.65
CA GLN B 36 -4.70 -20.83 -15.13
C GLN B 36 -4.20 -19.46 -14.91
N ILE B 37 -3.80 -19.18 -13.69
CA ILE B 37 -3.55 -17.79 -13.30
C ILE B 37 -2.04 -17.58 -13.20
N PRO B 38 -1.51 -16.49 -13.75
CA PRO B 38 -0.09 -16.21 -13.60
C PRO B 38 0.29 -16.11 -12.13
N PRO B 39 1.25 -16.96 -11.67
CA PRO B 39 1.49 -17.14 -10.23
C PRO B 39 1.49 -15.89 -9.35
N GLN B 40 2.19 -14.86 -9.75
CA GLN B 40 2.28 -13.62 -9.00
C GLN B 40 0.94 -12.90 -8.80
N GLN B 41 -0.08 -13.30 -9.53
CA GLN B 41 -1.40 -12.71 -9.42
C GLN B 41 -2.40 -13.60 -8.68
N VAL B 42 -1.98 -14.79 -8.21
CA VAL B 42 -2.90 -15.65 -7.49
C VAL B 42 -3.34 -14.97 -6.21
N ASN B 43 -4.66 -14.90 -6.01
CA ASN B 43 -5.22 -14.34 -4.78
C ASN B 43 -4.65 -15.05 -3.57
N ASN B 44 -4.42 -14.29 -2.50
CA ASN B 44 -4.01 -14.86 -1.23
C ASN B 44 -5.26 -15.26 -0.46
N THR B 45 -5.40 -16.55 -0.20
CA THR B 45 -6.50 -17.09 0.60
C THR B 45 -5.92 -17.71 1.87
N MET B 46 -6.23 -17.10 3.03
CA MET B 46 -5.67 -17.52 4.30
C MET B 46 -6.57 -18.55 4.96
N TYR B 47 -5.94 -19.50 5.64
CA TYR B 47 -6.61 -20.54 6.39
C TYR B 47 -6.11 -20.48 7.82
N GLN B 48 -6.99 -20.23 8.77
CA GLN B 48 -6.61 -20.32 10.18
C GLN B 48 -6.61 -21.79 10.56
N ALA B 49 -5.42 -22.34 10.82
CA ALA B 49 -5.22 -23.78 10.92
C ALA B 49 -5.47 -24.30 12.33
N PHE B 50 -6.27 -23.61 13.13
CA PHE B 50 -6.59 -24.08 14.46
C PHE B 50 -7.87 -23.40 14.95
N TYR B 51 -8.37 -23.90 16.07
CA TYR B 51 -9.36 -23.20 16.87
C TYR B 51 -9.02 -23.54 18.31
N TRP B 52 -9.89 -23.18 19.26
CA TRP B 52 -9.48 -23.30 20.66
C TRP B 52 -9.38 -24.77 21.08
N ASP B 53 -8.27 -25.11 21.73
CA ASP B 53 -7.91 -26.45 22.19
C ASP B 53 -7.76 -27.46 21.06
N ALA B 54 -7.85 -27.00 19.81
CA ALA B 54 -7.80 -27.89 18.67
C ALA B 54 -6.40 -28.43 18.42
N TYR B 55 -6.34 -29.61 17.80
CA TYR B 55 -5.17 -30.16 17.15
C TYR B 55 -3.94 -30.26 18.05
N PRO B 56 -4.01 -30.98 19.17
CA PRO B 56 -2.76 -31.33 19.85
C PRO B 56 -1.93 -32.22 18.94
N GLY B 57 -0.65 -31.90 18.81
CA GLY B 57 0.18 -32.59 17.84
C GLY B 57 -0.07 -32.17 16.41
N LEU B 58 -0.40 -30.90 16.19
CA LEU B 58 -0.74 -30.42 14.86
C LEU B 58 0.44 -30.54 13.89
N TRP B 59 1.67 -30.32 14.37
CA TRP B 59 2.81 -30.19 13.45
C TRP B 59 3.01 -31.44 12.62
N ALA B 60 2.95 -32.61 13.26
CA ALA B 60 3.14 -33.85 12.54
C ALA B 60 2.07 -34.04 11.47
N ASN B 61 0.82 -33.70 11.82
CA ASN B 61 -0.32 -33.89 10.94
C ASN B 61 -0.51 -32.75 9.93
N LEU B 62 0.18 -31.62 10.13
CA LEU B 62 -0.07 -30.46 9.28
C LEU B 62 0.19 -30.71 7.81
N PRO B 63 1.24 -31.44 7.39
CA PRO B 63 1.39 -31.70 5.94
C PRO B 63 0.19 -32.38 5.32
N ALA B 64 -0.39 -33.37 5.99
CA ALA B 64 -1.55 -34.08 5.44
C ALA B 64 -2.76 -33.16 5.35
N MET B 65 -3.06 -32.44 6.43
CA MET B 65 -4.20 -31.51 6.43
C MET B 65 -4.08 -30.49 5.31
N ALA B 66 -2.86 -30.00 5.05
CA ALA B 66 -2.66 -28.88 4.14
C ALA B 66 -2.59 -29.29 2.68
N ALA B 67 -2.38 -30.56 2.37
CA ALA B 67 -2.23 -30.98 0.98
C ALA B 67 -3.51 -30.75 0.17
N PRO B 68 -4.69 -31.19 0.60
CA PRO B 68 -5.89 -30.87 -0.19
C PRO B 68 -6.23 -29.39 -0.13
N LEU B 69 -5.98 -28.71 0.99
CA LEU B 69 -6.25 -27.27 1.07
C LEU B 69 -5.47 -26.50 0.01
N ALA B 70 -4.26 -26.95 -0.31
CA ALA B 70 -3.48 -26.27 -1.35
C ALA B 70 -4.11 -26.47 -2.72
N GLU B 71 -4.67 -27.66 -2.97
CA GLU B 71 -5.33 -27.94 -4.24
C GLU B 71 -6.56 -27.04 -4.43
N ARG B 72 -7.29 -26.79 -3.35
CA ARG B 72 -8.48 -25.93 -3.45
C ARG B 72 -8.10 -24.50 -3.77
N GLY B 73 -6.98 -24.01 -3.21
CA GLY B 73 -6.55 -22.65 -3.49
C GLY B 73 -6.16 -21.85 -2.26
N ILE B 74 -6.06 -22.52 -1.11
CA ILE B 74 -5.44 -21.90 0.06
C ILE B 74 -3.97 -21.65 -0.23
N THR B 75 -3.52 -20.42 -0.02
CA THR B 75 -2.13 -20.03 -0.29
C THR B 75 -1.39 -19.57 0.95
N SER B 76 -2.00 -19.68 2.14
CA SER B 76 -1.36 -19.28 3.38
C SER B 76 -2.15 -19.83 4.56
N MET B 77 -1.44 -20.19 5.63
CA MET B 77 -2.10 -20.66 6.85
C MET B 77 -1.57 -19.93 8.07
N TRP B 78 -2.50 -19.46 8.90
CA TRP B 78 -2.18 -18.89 10.19
C TRP B 78 -2.17 -20.05 11.17
N LEU B 79 -0.96 -20.38 11.68
CA LEU B 79 -0.68 -21.44 12.63
C LEU B 79 -0.83 -20.91 14.05
N PRO B 80 -1.19 -21.76 15.01
CA PRO B 80 -1.36 -21.28 16.38
C PRO B 80 -0.02 -20.84 16.95
N PRO B 81 -0.02 -20.01 18.01
CA PRO B 81 1.26 -19.57 18.60
C PRO B 81 2.13 -20.77 18.93
N ALA B 82 3.34 -20.80 18.37
CA ALA B 82 4.15 -22.00 18.38
C ALA B 82 5.23 -22.01 19.46
N ALA B 83 5.33 -20.95 20.26
CA ALA B 83 6.37 -20.83 21.28
C ALA B 83 5.86 -21.38 22.60
N LYS B 84 6.80 -21.84 23.43
CA LYS B 84 6.43 -22.52 24.68
C LYS B 84 5.59 -21.60 25.57
N GLY B 85 4.51 -22.15 26.09
CA GLY B 85 3.62 -21.41 26.97
C GLY B 85 3.61 -21.99 28.38
N MET B 86 3.10 -21.21 29.33
CA MET B 86 3.26 -21.55 30.75
C MET B 86 2.70 -22.92 31.11
N ASN B 87 1.62 -23.34 30.46
CA ASN B 87 0.98 -24.60 30.81
C ASN B 87 1.41 -25.77 29.94
N GLY B 88 2.53 -25.63 29.23
CA GLY B 88 3.13 -26.78 28.58
C GLY B 88 2.30 -27.26 27.39
N THR B 89 2.06 -28.57 27.35
CA THR B 89 1.27 -29.15 26.27
C THR B 89 -0.21 -28.82 26.39
N PHE B 90 -0.65 -28.27 27.53
CA PHE B 90 -2.03 -27.83 27.70
C PHE B 90 -2.26 -26.41 27.20
N SER B 91 -1.20 -25.68 26.90
CA SER B 91 -1.31 -24.29 26.47
C SER B 91 -1.68 -24.21 25.00
N VAL B 92 -2.63 -23.33 24.67
CA VAL B 92 -2.90 -23.09 23.26
C VAL B 92 -1.79 -22.23 22.66
N GLY B 93 -1.03 -21.53 23.49
CA GLY B 93 0.10 -20.74 23.05
C GLY B 93 0.06 -19.28 23.46
N TYR B 94 -1.09 -18.78 23.92
CA TYR B 94 -1.22 -17.37 24.22
C TYR B 94 -0.69 -16.99 25.59
N ASP B 95 -0.52 -17.97 26.49
CA ASP B 95 0.15 -17.75 27.78
C ASP B 95 1.66 -17.97 27.62
N VAL B 96 2.24 -17.18 26.72
CA VAL B 96 3.55 -17.51 26.17
C VAL B 96 4.64 -17.33 27.22
N TYR B 97 5.57 -18.27 27.26
CA TYR B 97 6.66 -18.24 28.22
C TYR B 97 7.96 -17.79 27.57
N ASP B 98 8.43 -18.52 26.56
CA ASP B 98 9.73 -18.27 25.91
C ASP B 98 9.56 -18.17 24.41
N LEU B 99 9.65 -16.95 23.87
CA LEU B 99 9.50 -16.78 22.42
C LEU B 99 10.59 -17.50 21.61
N TRP B 100 11.75 -17.79 22.22
CA TRP B 100 12.81 -18.46 21.48
C TRP B 100 12.75 -19.98 21.59
N ASP B 101 11.76 -20.53 22.32
CA ASP B 101 11.57 -21.95 22.51
C ASP B 101 10.34 -22.38 21.71
N LEU B 102 10.58 -22.94 20.51
CA LEU B 102 9.53 -23.41 19.63
C LEU B 102 9.28 -24.92 19.78
N GLY B 103 9.28 -25.44 21.01
CA GLY B 103 9.18 -26.88 21.20
C GLY B 103 10.51 -27.59 21.18
N GLU B 104 11.57 -26.93 21.64
CA GLU B 104 12.95 -27.40 21.53
C GLU B 104 13.60 -27.69 22.87
N PHE B 105 13.24 -26.96 23.93
CA PHE B 105 13.91 -27.06 25.22
C PHE B 105 12.93 -27.54 26.28
N ASN B 106 13.46 -28.22 27.30
CA ASN B 106 12.62 -28.79 28.35
C ASN B 106 12.31 -27.70 29.37
N GLN B 107 11.13 -27.11 29.25
CA GLN B 107 10.70 -26.04 30.14
C GLN B 107 9.19 -26.11 30.28
N LYS B 108 8.70 -25.65 31.43
CA LYS B 108 7.27 -25.66 31.74
C LYS B 108 6.68 -27.06 31.75
N GLY B 109 7.53 -28.07 31.87
CA GLY B 109 7.10 -29.44 32.03
C GLY B 109 7.20 -30.30 30.79
N THR B 110 7.63 -29.74 29.66
CA THR B 110 7.65 -30.48 28.41
C THR B 110 8.68 -29.84 27.50
N THR B 111 9.17 -30.63 26.54
CA THR B 111 9.98 -30.08 25.47
C THR B 111 9.09 -29.59 24.32
N ALA B 112 8.33 -30.50 23.72
CA ALA B 112 7.36 -30.12 22.70
C ALA B 112 6.34 -29.14 23.27
N THR B 113 5.78 -28.32 22.38
CA THR B 113 4.63 -27.51 22.73
C THR B 113 3.37 -28.39 22.62
N ARG B 114 2.20 -27.78 22.74
CA ARG B 114 0.97 -28.54 22.53
C ARG B 114 0.96 -29.20 21.16
N TYR B 115 1.64 -28.58 20.18
CA TYR B 115 1.55 -29.00 18.80
C TYR B 115 2.71 -29.90 18.36
N GLY B 116 3.82 -29.91 19.11
CA GLY B 116 4.92 -30.81 18.82
C GLY B 116 6.26 -30.13 19.06
N THR B 117 7.31 -30.81 18.61
CA THR B 117 8.68 -30.32 18.78
C THR B 117 9.02 -29.34 17.66
N ARG B 118 10.17 -28.67 17.82
CA ARG B 118 10.63 -27.77 16.76
C ARG B 118 10.95 -28.55 15.50
N GLN B 119 11.51 -29.76 15.64
CA GLN B 119 11.81 -30.58 14.47
C GLN B 119 10.55 -30.85 13.65
N GLN B 120 9.47 -31.27 14.32
CA GLN B 120 8.21 -31.49 13.61
C GLN B 120 7.70 -30.20 12.98
N LEU B 121 7.92 -29.08 13.65
CA LEU B 121 7.52 -27.80 13.06
C LEU B 121 8.35 -27.48 11.84
N GLN B 122 9.67 -27.73 11.90
CA GLN B 122 10.51 -27.44 10.74
C GLN B 122 10.15 -28.33 9.56
N GLN B 123 9.77 -29.59 9.83
CA GLN B 123 9.36 -30.47 8.74
C GLN B 123 8.01 -30.05 8.18
N ALA B 124 7.09 -29.64 9.06
CA ALA B 124 5.83 -29.06 8.62
C ALA B 124 6.07 -27.87 7.69
N LEU B 125 6.99 -26.97 8.08
CA LEU B 125 7.23 -25.78 7.28
C LEU B 125 7.80 -26.14 5.92
N SER B 126 8.64 -27.18 5.85
CA SER B 126 9.18 -27.62 4.57
C SER B 126 8.08 -28.23 3.70
N ALA B 127 7.19 -29.02 4.30
CA ALA B 127 6.07 -29.59 3.56
C ALA B 127 5.18 -28.50 2.97
N LEU B 128 4.72 -27.56 3.82
CA LEU B 128 3.95 -26.42 3.34
C LEU B 128 4.69 -25.66 2.24
N ASP B 129 6.02 -25.58 2.35
CA ASP B 129 6.79 -24.85 1.35
C ASP B 129 6.71 -25.54 -0.01
N GLN B 130 6.83 -26.86 -0.04
CA GLN B 130 6.66 -27.59 -1.30
C GLN B 130 5.23 -27.45 -1.82
N LEU B 131 4.25 -27.36 -0.92
CA LEU B 131 2.86 -27.23 -1.30
C LEU B 131 2.50 -25.81 -1.74
N GLY B 132 3.41 -24.85 -1.60
CA GLY B 132 3.15 -23.48 -2.01
C GLY B 132 2.44 -22.62 -1.00
N ILE B 133 2.42 -23.04 0.27
CA ILE B 133 1.67 -22.36 1.33
C ILE B 133 2.64 -21.58 2.20
N GLN B 134 2.30 -20.32 2.48
CA GLN B 134 3.06 -19.50 3.42
C GLN B 134 2.47 -19.67 4.82
N ALA B 135 3.35 -19.84 5.81
CA ALA B 135 2.94 -20.03 7.19
C ALA B 135 3.15 -18.75 7.97
N TYR B 136 2.11 -18.29 8.66
CA TYR B 136 2.17 -17.08 9.46
C TYR B 136 2.29 -17.44 10.93
N PHE B 137 3.18 -16.74 11.65
CA PHE B 137 3.42 -17.00 13.07
C PHE B 137 2.47 -16.16 13.93
N ASP B 138 1.88 -16.78 14.96
CA ASP B 138 1.05 -16.07 15.93
C ASP B 138 1.98 -15.59 17.03
N VAL B 139 2.50 -14.37 16.89
CA VAL B 139 3.42 -13.82 17.88
C VAL B 139 2.63 -13.13 18.98
N VAL B 140 2.93 -13.48 20.22
CA VAL B 140 2.29 -12.92 21.40
C VAL B 140 3.30 -11.97 22.04
N PHE B 141 3.26 -10.70 21.65
CA PHE B 141 4.22 -9.71 22.15
C PHE B 141 3.81 -9.06 23.46
N ASN B 142 2.52 -9.05 23.81
CA ASN B 142 2.05 -8.08 24.80
C ASN B 142 2.43 -8.45 26.24
N HIS B 143 2.56 -9.74 26.53
CA HIS B 143 2.64 -10.17 27.92
C HIS B 143 3.49 -11.41 28.01
N ARG B 144 3.95 -11.71 29.22
CA ARG B 144 4.53 -13.01 29.51
C ARG B 144 3.79 -13.64 30.68
N MET B 145 3.80 -14.97 30.70
CA MET B 145 3.23 -15.72 31.82
C MET B 145 4.13 -16.89 32.14
N GLY B 146 4.12 -17.29 33.42
CA GLY B 146 4.86 -18.46 33.83
C GLY B 146 6.28 -18.20 34.29
N ALA B 147 6.49 -17.14 35.08
CA ALA B 147 7.82 -16.84 35.59
C ALA B 147 8.40 -18.02 36.37
N ASP B 148 9.72 -18.21 36.26
CA ASP B 148 10.36 -19.33 36.94
C ASP B 148 10.51 -19.09 38.44
N ALA B 149 10.53 -17.85 38.90
CA ALA B 149 10.61 -17.57 40.32
C ALA B 149 10.19 -16.13 40.58
N GLN B 150 9.83 -15.86 41.83
CA GLN B 150 9.51 -14.51 42.28
C GLN B 150 10.77 -13.69 42.47
N GLU B 151 10.58 -12.37 42.45
CA GLU B 151 11.61 -11.39 42.78
C GLU B 151 11.01 -10.40 43.77
N HIS B 152 11.86 -9.81 44.62
CA HIS B 152 11.46 -8.64 45.38
C HIS B 152 11.92 -7.41 44.61
N ILE B 153 10.96 -6.62 44.14
CA ILE B 153 11.24 -5.41 43.36
C ILE B 153 11.37 -4.24 44.37
N PRO B 154 12.52 -3.62 44.46
CA PRO B 154 12.68 -2.51 45.42
C PRO B 154 11.57 -1.48 45.30
N GLY B 155 11.02 -1.08 46.44
CA GLY B 155 9.96 -0.09 46.46
C GLY B 155 8.61 -0.55 45.96
N PHE B 156 8.46 -1.83 45.63
CA PHE B 156 7.18 -2.35 45.13
C PHE B 156 6.73 -3.54 45.98
N GLY B 157 7.41 -4.67 45.85
CA GLY B 157 7.10 -5.89 46.58
C GLY B 157 7.41 -7.12 45.75
N LEU B 158 6.64 -8.18 46.02
CA LEU B 158 6.80 -9.45 45.31
C LEU B 158 6.23 -9.38 43.89
N ALA B 159 6.90 -10.06 42.95
CA ALA B 159 6.38 -10.15 41.60
C ALA B 159 6.91 -11.43 40.96
N TRP B 160 6.14 -11.95 40.01
CA TRP B 160 6.52 -13.15 39.28
C TRP B 160 7.20 -12.69 37.97
N THR B 161 8.46 -12.28 38.09
CA THR B 161 9.14 -11.60 36.99
C THR B 161 10.47 -12.23 36.58
N GLU B 162 11.03 -13.17 37.34
CA GLU B 162 12.28 -13.80 36.94
C GLU B 162 12.00 -14.86 35.88
N TYR B 163 12.50 -14.64 34.68
CA TYR B 163 12.30 -15.57 33.56
C TYR B 163 13.64 -16.11 33.10
N HIS B 164 13.74 -17.44 33.06
CA HIS B 164 15.02 -18.11 32.78
C HIS B 164 15.26 -18.26 31.28
N LEU B 165 14.25 -18.73 30.54
CA LEU B 165 14.19 -18.67 29.07
C LEU B 165 15.38 -19.37 28.42
N GLN B 166 15.36 -20.71 28.51
CA GLN B 166 16.44 -21.51 27.94
C GLN B 166 16.62 -21.22 26.46
N GLY B 167 15.52 -21.16 25.70
CA GLY B 167 15.62 -20.91 24.28
C GLY B 167 16.33 -19.59 23.98
N ARG B 168 16.05 -18.57 24.79
CA ARG B 168 16.73 -17.29 24.62
C ARG B 168 18.23 -17.43 24.84
N GLN B 169 18.62 -18.19 25.88
CA GLN B 169 20.03 -18.45 26.15
C GLN B 169 20.72 -19.10 24.97
N ALA B 170 20.01 -19.97 24.24
CA ALA B 170 20.65 -20.72 23.16
C ALA B 170 20.72 -19.93 21.86
N HIS B 171 19.70 -19.15 21.51
CA HIS B 171 19.65 -18.53 20.20
C HIS B 171 19.91 -17.02 20.19
N TYR B 172 19.56 -16.30 21.25
CA TYR B 172 19.82 -14.86 21.34
C TYR B 172 21.24 -14.65 21.89
N THR B 173 22.21 -14.89 21.03
CA THR B 173 23.62 -14.78 21.38
C THR B 173 24.30 -13.72 20.52
N GLN B 174 25.43 -13.22 21.03
CA GLN B 174 26.16 -12.19 20.28
C GLN B 174 26.58 -12.71 18.91
N GLN B 175 26.94 -14.00 18.83
CA GLN B 175 27.41 -14.58 17.57
C GLN B 175 26.31 -14.51 16.51
N ASN B 176 25.08 -14.83 16.88
CA ASN B 176 23.98 -14.87 15.92
C ASN B 176 23.58 -13.47 15.45
N TRP B 177 23.55 -12.49 16.36
CA TRP B 177 22.84 -11.24 16.12
C TRP B 177 23.67 -9.98 16.19
N GLY B 178 24.95 -10.06 16.57
CA GLY B 178 25.83 -8.92 16.59
C GLY B 178 25.26 -7.66 17.21
N TYR B 179 24.98 -6.66 16.36
CA TYR B 179 24.56 -5.36 16.86
C TYR B 179 23.21 -5.43 17.57
N LEU B 180 22.37 -6.41 17.24
CA LEU B 180 21.09 -6.52 17.93
C LEU B 180 21.19 -7.27 19.24
N TRP B 181 22.38 -7.69 19.67
CA TRP B 181 22.53 -8.49 20.88
C TRP B 181 22.84 -7.59 22.06
N HIS B 182 22.14 -7.83 23.17
CA HIS B 182 22.33 -7.11 24.39
C HIS B 182 22.35 -8.10 25.55
N ASP B 183 23.32 -7.91 26.45
CA ASP B 183 23.50 -8.75 27.63
C ASP B 183 22.58 -8.23 28.73
N PHE B 184 21.42 -8.84 28.87
CA PHE B 184 20.50 -8.45 29.92
C PHE B 184 19.56 -9.60 30.19
N ASP B 185 19.08 -9.68 31.42
CA ASP B 185 18.26 -10.78 31.87
C ASP B 185 16.80 -10.34 31.95
N TRP B 186 15.90 -11.26 31.64
CA TRP B 186 14.48 -10.94 31.74
C TRP B 186 14.07 -11.09 33.20
N ASN B 187 13.97 -9.96 33.87
CA ASN B 187 13.47 -9.87 35.22
C ASN B 187 12.46 -8.72 35.18
N TRP B 188 12.17 -8.15 36.35
CA TRP B 188 11.12 -7.14 36.41
C TRP B 188 11.43 -5.90 35.58
N THR B 189 12.72 -5.63 35.29
CA THR B 189 13.07 -4.46 34.49
C THR B 189 12.75 -4.63 33.02
N ALA B 190 12.39 -5.84 32.59
CA ALA B 190 11.88 -6.10 31.26
C ALA B 190 10.39 -5.88 31.12
N PHE B 191 9.67 -5.63 32.22
CA PHE B 191 8.23 -5.49 32.21
C PHE B 191 7.80 -4.11 32.72
N ASN B 192 6.68 -3.62 32.16
CA ASN B 192 6.02 -2.43 32.70
C ASN B 192 5.36 -2.74 34.05
N GLY B 193 4.81 -3.92 34.22
CA GLY B 193 4.07 -4.23 35.43
C GLY B 193 3.08 -5.37 35.22
N SER B 194 2.31 -5.63 36.28
CA SER B 194 1.30 -6.67 36.26
C SER B 194 0.08 -6.21 37.04
N ASP B 195 -1.05 -6.85 36.74
CA ASP B 195 -2.33 -6.54 37.38
C ASP B 195 -2.62 -5.04 37.33
N ASN B 196 -2.33 -4.44 36.17
CA ASN B 196 -2.58 -3.03 35.88
C ASN B 196 -1.88 -2.09 36.86
N GLN B 197 -0.81 -2.54 37.51
CA GLN B 197 0.03 -1.71 38.35
C GLN B 197 1.41 -1.56 37.72
N LEU B 198 1.95 -0.35 37.78
CA LEU B 198 3.26 -0.07 37.20
C LEU B 198 4.37 -0.44 38.17
N TYR B 199 5.42 -1.05 37.63
CA TYR B 199 6.65 -1.27 38.38
C TYR B 199 7.44 0.04 38.47
N PRO B 200 8.33 0.14 39.47
CA PRO B 200 9.06 1.41 39.70
C PRO B 200 9.69 2.00 38.44
N GLY B 201 9.46 3.29 38.24
CA GLY B 201 10.02 4.01 37.11
C GLY B 201 9.49 3.62 35.75
N LYS B 202 8.45 2.81 35.67
CA LYS B 202 7.92 2.37 34.39
C LYS B 202 6.75 3.24 33.95
N TRP B 203 6.38 3.07 32.68
CA TRP B 203 5.15 3.61 32.12
C TRP B 203 4.67 2.65 31.04
N TRP B 204 3.36 2.70 30.76
CA TRP B 204 2.74 1.68 29.92
C TRP B 204 3.07 1.82 28.44
N GLY B 205 3.58 2.96 28.00
CA GLY B 205 3.84 3.17 26.59
C GLY B 205 2.69 3.84 25.86
N ASN B 206 2.93 4.11 24.58
CA ASN B 206 1.95 4.75 23.71
C ASN B 206 1.11 3.64 23.08
N THR B 207 0.01 3.26 23.75
CA THR B 207 -0.84 2.18 23.28
C THR B 207 -2.16 2.73 22.74
N PHE B 208 -2.61 2.17 21.62
CA PHE B 208 -3.89 2.63 21.06
C PHE B 208 -5.07 2.14 21.92
N HIS B 209 -5.05 0.87 22.30
CA HIS B 209 -6.01 0.33 23.27
C HIS B 209 -5.52 0.64 24.68
N PHE B 210 -6.28 0.26 25.69
CA PHE B 210 -5.72 0.23 27.04
C PHE B 210 -4.45 -0.62 27.05
N PRO B 211 -3.40 -0.22 27.81
CA PRO B 211 -2.15 -0.98 27.76
C PRO B 211 -2.23 -2.37 28.39
N TYR B 212 -2.83 -2.48 29.57
CA TYR B 212 -2.78 -3.74 30.30
C TYR B 212 -3.96 -4.64 29.93
N LEU B 213 -3.64 -5.84 29.42
CA LEU B 213 -4.60 -6.93 29.22
C LEU B 213 -4.46 -8.02 30.28
N MET B 214 -3.28 -8.64 30.38
CA MET B 214 -3.08 -9.74 31.32
C MET B 214 -1.58 -9.97 31.50
N GLY B 215 -1.24 -10.84 32.47
CA GLY B 215 0.12 -11.31 32.65
C GLY B 215 1.13 -10.23 33.02
N GLU B 216 2.38 -10.52 32.74
CA GLU B 216 3.45 -9.54 32.92
C GLU B 216 3.58 -8.72 31.64
N ASP B 217 3.24 -7.44 31.72
CA ASP B 217 3.16 -6.57 30.52
C ASP B 217 4.56 -6.18 30.09
N VAL B 218 4.93 -6.52 28.85
CA VAL B 218 6.31 -6.33 28.39
C VAL B 218 6.59 -4.85 28.13
N ASP B 219 7.80 -4.40 28.51
CA ASP B 219 8.21 -3.00 28.38
C ASP B 219 8.96 -2.78 27.08
N TYR B 220 8.23 -2.44 26.02
CA TYR B 220 8.84 -2.12 24.74
C TYR B 220 9.33 -0.69 24.65
N ASN B 221 9.31 0.04 25.75
CA ASN B 221 9.98 1.33 25.82
C ASN B 221 11.43 1.19 26.23
N ARG B 222 11.88 -0.03 26.53
CA ARG B 222 13.25 -0.32 26.89
C ARG B 222 14.00 -0.80 25.67
N PHE B 223 15.12 -0.11 25.37
CA PHE B 223 15.84 -0.26 24.11
C PHE B 223 16.30 -1.70 23.87
N GLU B 224 16.83 -2.37 24.89
CA GLU B 224 17.36 -3.71 24.72
C GLU B 224 16.27 -4.73 24.40
N VAL B 225 15.04 -4.46 24.83
CA VAL B 225 13.96 -5.38 24.48
C VAL B 225 13.57 -5.18 23.01
N GLN B 226 13.46 -3.91 22.59
CA GLN B 226 13.17 -3.61 21.19
C GLN B 226 14.13 -4.36 20.27
N GLN B 227 15.44 -4.23 20.55
CA GLN B 227 16.48 -4.82 19.69
C GLN B 227 16.42 -6.34 19.67
N GLU B 228 16.14 -6.96 20.83
CA GLU B 228 16.04 -8.42 20.86
C GLU B 228 14.86 -8.90 20.05
N MET B 229 13.76 -8.14 20.10
CA MET B 229 12.59 -8.51 19.31
C MET B 229 12.85 -8.34 17.82
N LYS B 230 13.63 -7.31 17.43
CA LYS B 230 14.00 -7.21 16.02
C LYS B 230 14.84 -8.41 15.60
N ALA B 231 15.71 -8.89 16.50
CA ALA B 231 16.50 -10.07 16.19
C ALA B 231 15.61 -11.30 16.09
N TRP B 232 14.61 -11.43 16.97
CA TRP B 232 13.72 -12.58 16.95
C TRP B 232 12.86 -12.59 15.69
N GLY B 233 12.37 -11.42 15.27
CA GLY B 233 11.61 -11.34 14.04
C GLY B 233 12.40 -11.81 12.84
N GLU B 234 13.69 -11.46 12.77
CA GLU B 234 14.57 -11.96 11.71
C GLU B 234 14.72 -13.48 11.79
N TRP B 235 14.90 -13.99 13.01
CA TRP B 235 15.05 -15.42 13.22
C TRP B 235 13.82 -16.19 12.74
N ILE B 236 12.63 -15.67 13.05
CA ILE B 236 11.39 -16.37 12.67
C ILE B 236 11.26 -16.46 11.14
N ILE B 237 11.55 -15.38 10.42
CA ILE B 237 11.41 -15.40 8.96
C ILE B 237 12.61 -16.09 8.31
N ASN B 238 13.80 -15.51 8.49
CA ASN B 238 14.97 -15.89 7.69
C ASN B 238 15.58 -17.22 8.13
N SER B 239 15.54 -17.54 9.43
CA SER B 239 16.14 -18.79 9.93
C SER B 239 15.11 -19.91 10.09
N VAL B 240 14.05 -19.68 10.88
CA VAL B 240 13.04 -20.72 11.06
C VAL B 240 12.29 -20.97 9.75
N GLY B 241 11.74 -19.91 9.16
CA GLY B 241 11.19 -20.03 7.82
C GLY B 241 9.70 -19.73 7.71
N PHE B 242 9.16 -18.92 8.61
CA PHE B 242 7.81 -18.41 8.42
C PHE B 242 7.82 -17.29 7.39
N SER B 243 6.64 -16.92 6.91
CA SER B 243 6.52 -15.89 5.90
C SER B 243 5.72 -14.69 6.36
N GLY B 244 5.28 -14.68 7.61
CA GLY B 244 4.52 -13.55 8.10
C GLY B 244 4.02 -13.80 9.51
N PHE B 245 3.39 -12.77 10.07
CA PHE B 245 2.95 -12.75 11.45
C PHE B 245 1.48 -12.37 11.55
N ARG B 246 0.77 -13.07 12.43
CA ARG B 246 -0.46 -12.56 13.02
C ARG B 246 -0.07 -12.01 14.38
N MET B 247 -0.41 -10.77 14.66
CA MET B 247 0.12 -10.07 15.84
C MET B 247 -0.96 -10.00 16.91
N ASP B 248 -0.81 -10.87 17.92
CA ASP B 248 -1.77 -11.02 18.99
C ASP B 248 -1.91 -9.75 19.82
N ALA B 249 -3.15 -9.40 20.16
CA ALA B 249 -3.46 -8.29 21.06
C ALA B 249 -2.57 -7.08 20.79
N ILE B 250 -2.32 -6.76 19.52
CA ILE B 250 -1.22 -5.84 19.23
C ILE B 250 -1.61 -4.40 19.57
N ALA B 251 -2.90 -4.09 19.72
CA ALA B 251 -3.32 -2.75 20.10
C ALA B 251 -3.10 -2.43 21.57
N HIS B 252 -2.82 -3.43 22.40
CA HIS B 252 -2.37 -3.22 23.77
C HIS B 252 -0.87 -2.96 23.85
N VAL B 253 -0.17 -2.93 22.72
CA VAL B 253 1.28 -2.85 22.67
C VAL B 253 1.66 -1.47 22.16
N ASP B 254 2.76 -0.94 22.68
CA ASP B 254 3.28 0.37 22.26
C ASP B 254 3.33 0.48 20.74
N THR B 255 2.68 1.53 20.21
CA THR B 255 2.50 1.72 18.77
C THR B 255 3.83 2.02 18.07
N ASP B 256 4.71 2.77 18.72
CA ASP B 256 5.98 3.11 18.09
C ASP B 256 6.87 1.87 17.96
N PHE B 257 6.90 1.02 18.99
CA PHE B 257 7.63 -0.25 18.86
C PHE B 257 7.04 -1.12 17.76
N THR B 258 5.71 -1.22 17.69
CA THR B 258 5.08 -2.03 16.66
C THR B 258 5.57 -1.61 15.28
N ARG B 259 5.48 -0.31 15.00
CA ARG B 259 5.91 0.22 13.70
C ARG B 259 7.37 -0.10 13.43
N ASP B 260 8.24 0.17 14.41
CA ASP B 260 9.68 -0.01 14.23
C ASP B 260 10.06 -1.48 14.05
N TRP B 261 9.30 -2.40 14.67
CA TRP B 261 9.62 -3.81 14.53
C TRP B 261 9.16 -4.36 13.19
N ILE B 262 7.93 -4.02 12.80
CA ILE B 262 7.46 -4.36 11.45
C ILE B 262 8.43 -3.81 10.42
N ASN B 263 8.75 -2.52 10.54
CA ASN B 263 9.60 -1.88 9.54
C ASN B 263 10.97 -2.55 9.48
N HIS B 264 11.50 -2.95 10.65
CA HIS B 264 12.81 -3.59 10.68
C HIS B 264 12.79 -4.96 10.04
N VAL B 265 11.77 -5.76 10.37
CA VAL B 265 11.70 -7.12 9.84
C VAL B 265 11.47 -7.10 8.34
N GLN B 266 10.68 -6.13 7.85
CA GLN B 266 10.45 -6.03 6.41
C GLN B 266 11.74 -5.68 5.69
N TRP B 267 12.37 -4.59 6.09
CA TRP B 267 13.65 -4.21 5.49
C TRP B 267 14.66 -5.36 5.54
N ALA B 268 14.59 -6.20 6.57
CA ALA B 268 15.57 -7.25 6.83
C ALA B 268 15.33 -8.54 6.06
N THR B 269 14.24 -8.65 5.30
CA THR B 269 13.84 -9.90 4.66
C THR B 269 13.67 -9.68 3.17
N SER B 270 13.98 -10.73 2.38
CA SER B 270 13.94 -10.59 0.93
C SER B 270 12.52 -10.71 0.40
N GLU B 271 11.72 -11.59 1.00
CA GLU B 271 10.32 -11.71 0.62
C GLU B 271 9.52 -10.53 1.18
N ASP B 272 8.32 -10.35 0.63
CA ASP B 272 7.38 -9.35 1.15
C ASP B 272 6.63 -9.98 2.32
N VAL B 273 7.11 -9.73 3.54
CA VAL B 273 6.54 -10.41 4.70
C VAL B 273 5.14 -9.87 4.98
N PHE B 274 4.27 -10.75 5.45
CA PHE B 274 2.85 -10.48 5.68
C PHE B 274 2.63 -10.19 7.15
N PHE B 275 2.04 -9.04 7.47
CA PHE B 275 1.70 -8.66 8.85
C PHE B 275 0.22 -8.40 8.96
N VAL B 276 -0.47 -9.09 9.88
CA VAL B 276 -1.86 -8.80 10.17
C VAL B 276 -2.03 -8.57 11.67
N ALA B 277 -2.62 -7.43 12.03
CA ALA B 277 -2.86 -7.07 13.41
C ALA B 277 -4.18 -7.66 13.89
N GLU B 278 -4.18 -8.26 15.09
CA GLU B 278 -5.40 -8.47 15.86
C GLU B 278 -5.59 -7.22 16.70
N ALA B 279 -6.24 -6.23 16.11
CA ALA B 279 -6.50 -4.93 16.71
C ALA B 279 -8.01 -4.84 16.95
N TRP B 280 -8.42 -5.38 18.09
CA TRP B 280 -9.84 -5.53 18.41
C TRP B 280 -10.27 -4.29 19.20
N VAL B 281 -10.49 -3.21 18.45
CA VAL B 281 -10.77 -1.88 18.99
C VAL B 281 -11.95 -1.30 18.24
N SER B 282 -12.50 -0.22 18.81
CA SER B 282 -13.63 0.49 18.23
C SER B 282 -13.28 1.09 16.86
N ASP B 283 -12.09 1.67 16.73
CA ASP B 283 -11.73 2.42 15.52
C ASP B 283 -10.47 1.79 14.94
N ILE B 284 -10.65 0.73 14.14
CA ILE B 284 -9.49 0.05 13.56
C ILE B 284 -8.81 0.94 12.50
N ASN B 285 -9.57 1.80 11.82
CA ASN B 285 -8.94 2.75 10.91
C ASN B 285 -7.98 3.67 11.66
N GLY B 286 -8.40 4.13 12.84
CA GLY B 286 -7.52 4.96 13.65
C GLY B 286 -6.27 4.23 14.07
N TYR B 287 -6.42 2.98 14.51
CA TYR B 287 -5.26 2.17 14.88
C TYR B 287 -4.26 2.08 13.74
N LEU B 288 -4.73 1.80 12.53
CA LEU B 288 -3.81 1.66 11.42
C LEU B 288 -3.08 2.97 11.12
N ASP B 289 -3.82 4.09 11.14
CA ASP B 289 -3.17 5.39 10.92
C ASP B 289 -2.16 5.73 12.01
N ALA B 290 -2.33 5.16 13.22
CA ALA B 290 -1.44 5.49 14.31
C ALA B 290 -0.13 4.72 14.21
N VAL B 291 -0.21 3.41 13.97
CA VAL B 291 0.99 2.62 13.70
C VAL B 291 1.71 3.20 12.48
N ASN B 292 0.97 3.46 11.40
CA ASN B 292 1.49 4.19 10.24
C ASN B 292 2.62 3.45 9.53
N THR B 293 2.37 2.19 9.16
CA THR B 293 3.23 1.44 8.25
C THR B 293 2.38 0.80 7.16
N PRO B 294 2.77 0.93 5.89
CA PRO B 294 1.98 0.33 4.80
C PRO B 294 1.94 -1.19 4.84
N HIS B 295 2.79 -1.84 5.63
CA HIS B 295 2.86 -3.30 5.67
C HIS B 295 1.85 -3.93 6.61
N LEU B 296 1.15 -3.15 7.42
CA LEU B 296 0.28 -3.71 8.46
C LEU B 296 -1.16 -3.78 7.95
N ARG B 297 -1.71 -4.98 7.98
CA ARG B 297 -3.13 -5.20 7.75
C ARG B 297 -3.83 -5.43 9.10
N ALA B 298 -5.16 -5.54 9.09
CA ALA B 298 -5.90 -5.74 10.32
C ALA B 298 -7.13 -6.61 10.08
N PHE B 299 -7.48 -7.40 11.09
CA PHE B 299 -8.69 -8.22 11.02
C PHE B 299 -9.93 -7.34 11.00
N ASP B 300 -10.89 -7.70 10.13
CA ASP B 300 -12.10 -6.90 9.97
C ASP B 300 -13.13 -7.33 11.01
N PHE B 301 -12.92 -6.89 12.25
CA PHE B 301 -13.88 -7.26 13.29
C PHE B 301 -15.25 -6.70 13.01
N ASN B 302 -15.35 -5.53 12.39
CA ASN B 302 -16.67 -4.91 12.32
C ASN B 302 -17.53 -5.48 11.19
N LEU B 303 -16.93 -6.04 10.14
CA LEU B 303 -17.74 -6.68 9.10
C LEU B 303 -18.51 -7.86 9.66
N ARG B 304 -17.99 -8.50 10.71
CA ARG B 304 -18.68 -9.66 11.26
C ARG B 304 -20.06 -9.31 11.79
N GLU B 305 -20.25 -8.08 12.26
CA GLU B 305 -21.56 -7.66 12.72
C GLU B 305 -22.61 -7.78 11.62
N ASP B 306 -22.21 -7.65 10.35
CA ASP B 306 -23.13 -7.86 9.23
C ASP B 306 -23.47 -9.33 9.07
N PHE B 307 -22.49 -10.21 9.31
CA PHE B 307 -22.78 -11.64 9.28
C PHE B 307 -23.66 -12.05 10.45
N VAL B 308 -23.47 -11.40 11.61
CA VAL B 308 -24.40 -11.61 12.71
C VAL B 308 -25.82 -11.28 12.26
N ALA B 309 -25.99 -10.15 11.56
CA ALA B 309 -27.33 -9.81 11.04
C ALA B 309 -27.77 -10.80 9.96
N LEU B 310 -26.85 -11.17 9.06
CA LEU B 310 -27.15 -12.18 8.05
C LEU B 310 -27.71 -13.46 8.67
N SER B 311 -27.14 -13.90 9.80
CA SER B 311 -27.58 -15.16 10.41
C SER B 311 -29.05 -15.13 10.82
N SER B 312 -29.59 -13.95 11.11
CA SER B 312 -30.98 -13.83 11.50
C SER B 312 -31.96 -14.25 10.40
N GLY B 313 -31.51 -14.23 9.15
CA GLY B 313 -32.45 -14.45 8.05
C GLY B 313 -33.37 -13.29 7.79
N SER B 314 -33.07 -12.11 8.35
CA SER B 314 -33.86 -10.91 8.15
C SER B 314 -33.01 -9.69 7.80
N LYS B 315 -31.75 -9.89 7.44
CA LYS B 315 -30.90 -8.76 7.15
C LYS B 315 -31.28 -8.14 5.80
N ASP B 316 -31.32 -6.80 5.75
CA ASP B 316 -31.43 -6.09 4.48
C ASP B 316 -30.11 -6.23 3.71
N MET B 317 -30.13 -7.03 2.66
CA MET B 317 -28.93 -7.38 1.91
C MET B 317 -28.35 -6.23 1.10
N ARG B 318 -28.92 -5.01 1.18
CA ARG B 318 -28.34 -3.89 0.46
C ARG B 318 -27.20 -3.22 1.20
N TRP B 319 -27.11 -3.38 2.53
CA TRP B 319 -26.17 -2.61 3.33
C TRP B 319 -25.06 -3.49 3.90
N TRP B 320 -23.81 -3.04 3.75
CA TRP B 320 -22.65 -3.73 4.26
C TRP B 320 -21.68 -2.69 4.79
N GLY B 321 -21.14 -2.94 5.98
CA GLY B 321 -20.16 -2.05 6.56
C GLY B 321 -18.78 -2.68 6.62
N GLY B 322 -18.06 -2.45 7.71
CA GLY B 322 -16.82 -3.14 7.97
C GLY B 322 -15.60 -2.47 7.36
N LEU B 323 -14.43 -2.95 7.80
CA LEU B 323 -13.18 -2.38 7.31
C LEU B 323 -13.03 -2.54 5.79
N VAL B 324 -13.60 -3.59 5.22
CA VAL B 324 -13.40 -3.91 3.80
C VAL B 324 -14.21 -3.03 2.87
N ASN B 325 -15.05 -2.16 3.43
CA ASN B 325 -15.77 -1.15 2.66
C ASN B 325 -15.43 0.24 3.19
N SER B 326 -14.24 0.38 3.77
CA SER B 326 -13.78 1.61 4.36
C SER B 326 -12.52 2.06 3.64
N GLN B 327 -12.05 3.24 4.01
CA GLN B 327 -10.84 3.82 3.41
C GLN B 327 -9.57 3.02 3.76
N HIS B 328 -9.68 1.96 4.58
CA HIS B 328 -8.55 1.05 4.77
C HIS B 328 -8.79 -0.33 4.16
N ARG B 329 -9.74 -0.43 3.21
CA ARG B 329 -10.23 -1.73 2.73
C ARG B 329 -9.10 -2.60 2.19
N ASP B 330 -8.12 -1.99 1.52
CA ASP B 330 -6.95 -2.71 1.02
C ASP B 330 -6.15 -3.38 2.15
N ARG B 331 -6.22 -2.85 3.36
CA ARG B 331 -5.46 -3.41 4.47
C ARG B 331 -6.33 -4.29 5.36
N ALA B 332 -7.48 -4.74 4.86
CA ALA B 332 -8.40 -5.54 5.65
C ALA B 332 -8.15 -7.03 5.48
N VAL B 333 -8.30 -7.76 6.56
CA VAL B 333 -8.21 -9.22 6.57
C VAL B 333 -9.57 -9.69 7.06
N THR B 334 -10.39 -10.19 6.15
CA THR B 334 -11.78 -10.50 6.47
C THR B 334 -11.92 -11.93 6.98
N PHE B 335 -12.92 -12.14 7.84
CA PHE B 335 -13.20 -13.45 8.41
C PHE B 335 -14.66 -13.52 8.85
N VAL B 336 -15.13 -14.73 9.08
CA VAL B 336 -16.47 -14.98 9.61
C VAL B 336 -16.46 -15.27 11.10
N ASP B 337 -15.54 -16.14 11.54
CA ASP B 337 -15.34 -16.41 12.97
C ASP B 337 -13.86 -16.68 13.19
N ASN B 338 -13.44 -16.57 14.46
CA ASN B 338 -12.11 -17.02 14.88
C ASN B 338 -12.25 -17.76 16.20
N HIS B 339 -11.13 -18.07 16.85
CA HIS B 339 -11.18 -18.85 18.06
C HIS B 339 -11.70 -18.07 19.27
N ASP B 340 -11.97 -16.81 19.15
CA ASP B 340 -12.53 -16.06 20.23
C ASP B 340 -14.03 -15.84 20.06
N THR B 341 -14.46 -15.73 18.81
CA THR B 341 -15.82 -15.46 18.52
C THR B 341 -16.66 -16.73 18.56
N SER B 342 -16.13 -17.82 18.04
CA SER B 342 -16.79 -19.12 18.05
C SER B 342 -15.99 -20.03 18.90
N ARG B 343 -16.54 -20.37 20.04
CA ARG B 343 -15.84 -21.21 20.99
C ARG B 343 -16.88 -21.80 21.94
N ALA B 344 -16.68 -23.06 22.32
CA ALA B 344 -17.59 -23.69 23.28
C ALA B 344 -17.71 -22.83 24.53
N GLY B 345 -18.96 -22.52 24.90
CA GLY B 345 -19.25 -21.68 26.04
C GLY B 345 -19.32 -20.18 25.75
N ASN B 346 -18.82 -19.73 24.59
CA ASN B 346 -18.85 -18.32 24.21
C ASN B 346 -18.31 -17.43 25.32
N PRO B 347 -17.01 -17.52 25.62
CA PRO B 347 -16.49 -16.88 26.85
C PRO B 347 -16.46 -15.35 26.79
N TYR B 348 -16.44 -14.76 25.61
CA TYR B 348 -16.42 -13.30 25.47
C TYR B 348 -17.79 -12.74 25.10
N GLY B 349 -18.82 -13.57 25.12
CA GLY B 349 -20.18 -13.09 24.99
C GLY B 349 -20.47 -12.47 23.64
N MET B 350 -19.86 -12.98 22.59
CA MET B 350 -20.11 -12.40 21.28
C MET B 350 -21.37 -13.01 20.67
N PRO B 351 -22.19 -12.23 19.98
CA PRO B 351 -23.31 -12.82 19.25
C PRO B 351 -22.78 -13.74 18.17
N GLN B 352 -23.46 -14.85 17.97
CA GLN B 352 -22.97 -15.90 17.10
C GLN B 352 -23.47 -15.75 15.65
N VAL B 353 -22.71 -16.35 14.74
CA VAL B 353 -23.03 -16.45 13.32
C VAL B 353 -23.32 -17.92 13.07
N ILE B 354 -24.60 -18.29 13.09
CA ILE B 354 -25.01 -19.69 13.03
C ILE B 354 -25.52 -20.06 11.64
N ASN B 355 -26.31 -19.17 11.06
CA ASN B 355 -26.98 -19.46 9.81
C ASN B 355 -26.39 -18.62 8.70
N TYR B 356 -26.66 -19.04 7.46
CA TYR B 356 -26.19 -18.34 6.26
C TYR B 356 -24.66 -18.21 6.23
N LYS B 357 -23.93 -19.16 6.83
CA LYS B 357 -22.48 -19.02 6.92
C LYS B 357 -21.81 -19.09 5.54
N ASN B 358 -22.35 -19.89 4.62
CA ASN B 358 -21.73 -19.98 3.30
C ASN B 358 -21.87 -18.68 2.54
N GLN B 359 -23.02 -18.01 2.68
CA GLN B 359 -23.16 -16.69 2.07
C GLN B 359 -22.17 -15.69 2.67
N ALA B 360 -21.91 -15.80 3.97
CA ALA B 360 -20.87 -14.97 4.59
C ALA B 360 -19.51 -15.26 3.96
N TYR B 361 -19.17 -16.55 3.83
CA TYR B 361 -17.88 -16.90 3.24
C TYR B 361 -17.79 -16.46 1.79
N ALA B 362 -18.88 -16.60 1.03
CA ALA B 362 -18.86 -16.10 -0.33
C ALA B 362 -18.54 -14.61 -0.37
N TYR B 363 -19.12 -13.85 0.56
CA TYR B 363 -18.91 -12.39 0.55
C TYR B 363 -17.45 -12.03 0.75
N ILE B 364 -16.77 -12.67 1.69
CA ILE B 364 -15.38 -12.35 1.94
C ILE B 364 -14.46 -12.93 0.85
N LEU B 365 -14.85 -14.04 0.23
CA LEU B 365 -13.91 -14.77 -0.63
C LEU B 365 -13.84 -14.17 -2.04
N LEU B 366 -14.95 -13.68 -2.58
CA LEU B 366 -15.01 -13.31 -4.00
C LEU B 366 -14.88 -11.82 -4.26
N ARG B 367 -15.21 -10.97 -3.28
CA ARG B 367 -15.10 -9.54 -3.53
C ARG B 367 -13.63 -9.12 -3.65
N GLU B 368 -13.42 -7.99 -4.32
CA GLU B 368 -12.08 -7.61 -4.79
C GLU B 368 -11.15 -7.24 -3.64
N HIS B 369 -11.70 -6.75 -2.53
CA HIS B 369 -10.90 -6.16 -1.47
C HIS B 369 -10.73 -7.11 -0.30
N GLY B 370 -9.61 -6.96 0.38
CA GLY B 370 -9.32 -7.74 1.56
C GLY B 370 -8.68 -9.08 1.25
N VAL B 371 -8.02 -9.63 2.26
CA VAL B 371 -7.53 -11.00 2.25
C VAL B 371 -8.42 -11.82 3.18
N PRO B 372 -9.17 -12.80 2.68
CA PRO B 372 -10.12 -13.51 3.54
C PRO B 372 -9.52 -14.70 4.26
N THR B 373 -10.10 -15.00 5.42
CA THR B 373 -9.64 -16.09 6.27
C THR B 373 -10.73 -17.15 6.38
N VAL B 374 -10.39 -18.38 5.96
CA VAL B 374 -11.22 -19.55 6.21
C VAL B 374 -10.86 -20.12 7.57
N PHE B 375 -11.88 -20.33 8.42
CA PHE B 375 -11.68 -20.73 9.80
C PHE B 375 -11.72 -22.25 9.94
N ALA B 376 -10.74 -22.82 10.66
CA ALA B 376 -10.64 -24.28 10.75
C ALA B 376 -11.87 -24.91 11.39
N ARG B 377 -12.45 -24.25 12.41
CA ARG B 377 -13.59 -24.87 13.06
C ARG B 377 -14.78 -24.94 12.12
N ASP B 378 -14.91 -23.96 11.23
CA ASP B 378 -15.95 -23.99 10.22
C ASP B 378 -15.71 -25.11 9.21
N TYR B 379 -14.54 -25.09 8.57
CA TYR B 379 -14.17 -26.10 7.58
C TYR B 379 -14.24 -27.51 8.18
N ASP B 380 -13.61 -27.71 9.34
CA ASP B 380 -13.43 -29.04 9.91
C ASP B 380 -14.59 -29.45 10.81
N GLU B 381 -14.67 -28.88 12.00
CA GLU B 381 -15.61 -29.37 13.01
C GLU B 381 -17.05 -29.21 12.57
N PHE B 382 -17.43 -28.01 12.13
CA PHE B 382 -18.77 -27.81 11.58
C PHE B 382 -18.97 -28.51 10.24
N GLY B 383 -17.89 -29.02 9.63
CA GLY B 383 -18.02 -29.81 8.43
C GLY B 383 -18.50 -29.05 7.20
N MET B 384 -18.13 -27.78 7.08
CA MET B 384 -18.55 -26.97 5.94
C MET B 384 -17.67 -27.17 4.70
N ALA B 385 -16.70 -28.08 4.77
CA ALA B 385 -15.75 -28.24 3.67
C ALA B 385 -16.39 -28.54 2.31
N PRO B 386 -17.44 -29.37 2.20
CA PRO B 386 -18.02 -29.63 0.86
C PRO B 386 -18.45 -28.39 0.10
N THR B 387 -19.02 -27.39 0.77
CA THR B 387 -19.40 -26.16 0.08
C THR B 387 -18.28 -25.14 0.04
N LEU B 388 -17.47 -25.08 1.11
CA LEU B 388 -16.38 -24.11 1.16
C LEU B 388 -15.33 -24.42 0.11
N ASP B 389 -15.11 -25.71 -0.18
CA ASP B 389 -14.11 -26.10 -1.17
C ASP B 389 -14.32 -25.38 -2.50
N LYS B 390 -15.57 -25.28 -2.95
CA LYS B 390 -15.85 -24.67 -4.23
C LYS B 390 -15.74 -23.15 -4.17
N LEU B 391 -16.00 -22.56 -2.99
CA LEU B 391 -15.79 -21.12 -2.85
C LEU B 391 -14.31 -20.77 -2.85
N ILE B 392 -13.47 -21.59 -2.21
CA ILE B 392 -12.03 -21.35 -2.25
C ILE B 392 -11.53 -21.46 -3.69
N GLU B 393 -12.06 -22.41 -4.46
CA GLU B 393 -11.70 -22.51 -5.87
C GLU B 393 -12.20 -21.31 -6.65
N ALA B 394 -13.42 -20.86 -6.35
CA ALA B 394 -13.96 -19.70 -7.05
C ALA B 394 -13.07 -18.48 -6.83
N ARG B 395 -12.61 -18.27 -5.59
CA ARG B 395 -11.65 -17.20 -5.35
C ARG B 395 -10.33 -17.49 -6.05
N ARG B 396 -9.89 -18.75 -6.02
CA ARG B 396 -8.58 -19.12 -6.54
C ARG B 396 -8.49 -18.92 -8.05
N TYR B 397 -9.51 -19.36 -8.79
CA TYR B 397 -9.45 -19.43 -10.24
C TYR B 397 -10.38 -18.47 -10.95
N PHE B 398 -11.18 -17.67 -10.24
CA PHE B 398 -12.14 -16.84 -10.96
C PHE B 398 -12.23 -15.40 -10.45
N ALA B 399 -12.01 -15.14 -9.16
CA ALA B 399 -12.21 -13.80 -8.61
C ALA B 399 -11.03 -12.90 -8.98
N TYR B 400 -11.08 -12.40 -10.22
CA TYR B 400 -10.03 -11.52 -10.74
C TYR B 400 -10.68 -10.42 -11.55
N GLY B 401 -9.88 -9.39 -11.85
CA GLY B 401 -10.36 -8.23 -12.55
C GLY B 401 -11.06 -7.26 -11.63
N PRO B 402 -11.41 -6.08 -12.13
CA PRO B 402 -12.09 -5.08 -11.30
C PRO B 402 -13.38 -5.63 -10.72
N GLY B 403 -13.83 -4.99 -9.65
CA GLY B 403 -15.04 -5.40 -8.97
C GLY B 403 -16.14 -4.36 -9.15
N HIS B 404 -17.38 -4.82 -9.20
CA HIS B 404 -18.51 -3.93 -9.39
C HIS B 404 -19.63 -4.31 -8.43
N GLU B 405 -20.19 -3.30 -7.76
CA GLU B 405 -21.39 -3.52 -6.99
C GLU B 405 -22.61 -3.44 -7.90
N TYR B 406 -23.73 -3.94 -7.38
CA TYR B 406 -24.96 -4.10 -8.14
C TYR B 406 -25.99 -3.07 -7.66
N SER B 407 -26.32 -2.11 -8.53
CA SER B 407 -27.39 -1.17 -8.25
C SER B 407 -28.72 -1.86 -7.94
N GLY B 408 -28.89 -3.11 -8.36
CA GLY B 408 -30.16 -3.79 -8.24
C GLY B 408 -30.29 -4.69 -7.02
N ASN B 409 -29.41 -4.53 -6.03
CA ASN B 409 -29.58 -5.28 -4.79
C ASN B 409 -30.96 -5.03 -4.18
N THR B 410 -31.53 -6.06 -3.59
CA THR B 410 -32.80 -5.93 -2.88
C THR B 410 -32.58 -6.17 -1.39
N GLU B 411 -33.67 -6.08 -0.62
CA GLU B 411 -33.59 -6.37 0.81
C GLU B 411 -33.21 -7.80 1.08
N ALA B 412 -33.33 -8.66 0.07
CA ALA B 412 -33.18 -10.09 0.24
C ALA B 412 -32.05 -10.70 -0.57
N VAL B 413 -31.51 -9.98 -1.56
CA VAL B 413 -30.46 -10.52 -2.42
C VAL B 413 -29.34 -9.49 -2.59
N TYR B 414 -28.10 -9.93 -2.39
CA TYR B 414 -26.90 -9.14 -2.66
C TYR B 414 -26.16 -9.79 -3.82
N ALA B 415 -25.72 -8.99 -4.81
CA ALA B 415 -24.97 -9.48 -5.95
C ALA B 415 -23.68 -8.67 -6.14
N TYR B 416 -22.68 -9.29 -6.78
CA TYR B 416 -21.36 -8.67 -6.99
C TYR B 416 -20.68 -9.25 -8.22
N VAL B 417 -19.88 -8.43 -8.92
CA VAL B 417 -19.28 -8.84 -10.18
C VAL B 417 -17.75 -8.65 -10.14
N ARG B 418 -17.03 -9.68 -10.61
CA ARG B 418 -15.64 -9.56 -11.03
C ARG B 418 -15.58 -9.60 -12.56
N GLU B 419 -15.08 -8.52 -13.17
CA GLU B 419 -14.88 -8.45 -14.62
C GLU B 419 -14.11 -9.66 -15.15
N GLY B 420 -13.09 -10.09 -14.43
CA GLY B 420 -12.15 -11.07 -14.95
C GLY B 420 -10.92 -10.42 -15.56
N LEU B 421 -10.08 -11.26 -16.14
CA LEU B 421 -8.80 -10.83 -16.72
C LEU B 421 -8.90 -10.86 -18.23
N SER B 422 -8.64 -9.71 -18.87
CA SER B 422 -8.50 -9.68 -20.31
C SER B 422 -7.44 -10.68 -20.79
N THR B 423 -6.37 -10.83 -20.01
CA THR B 423 -5.29 -11.74 -20.38
C THR B 423 -5.69 -13.20 -20.21
N VAL B 424 -6.57 -13.51 -19.26
CA VAL B 424 -6.92 -14.90 -18.98
C VAL B 424 -8.39 -15.15 -19.29
N PRO B 425 -8.73 -15.52 -20.52
CA PRO B 425 -10.13 -15.85 -20.83
C PRO B 425 -10.61 -17.03 -20.00
N GLY B 426 -11.78 -16.86 -19.38
CA GLY B 426 -12.32 -17.83 -18.46
C GLY B 426 -12.44 -17.34 -17.04
N THR B 427 -11.86 -16.18 -16.72
CA THR B 427 -11.94 -15.60 -15.39
C THR B 427 -13.21 -14.74 -15.29
N GLY B 428 -13.40 -14.13 -14.11
CA GLY B 428 -14.59 -13.36 -13.86
C GLY B 428 -15.68 -14.18 -13.20
N LEU B 429 -16.60 -13.48 -12.54
CA LEU B 429 -17.69 -14.16 -11.85
C LEU B 429 -18.81 -13.17 -11.58
N VAL B 430 -20.02 -13.69 -11.56
CA VAL B 430 -21.20 -12.96 -11.09
C VAL B 430 -21.75 -13.76 -9.92
N MET B 431 -21.56 -13.25 -8.70
CA MET B 431 -22.02 -13.93 -7.50
C MET B 431 -23.31 -13.30 -6.97
N LEU B 432 -24.17 -14.15 -6.39
CA LEU B 432 -25.40 -13.75 -5.72
C LEU B 432 -25.55 -14.54 -4.43
N ILE B 433 -26.03 -13.86 -3.37
CA ILE B 433 -26.34 -14.51 -2.10
C ILE B 433 -27.71 -14.06 -1.62
N SER B 434 -28.52 -15.01 -1.18
CA SER B 434 -29.82 -14.73 -0.60
C SER B 434 -29.72 -14.74 0.93
N GLY B 435 -30.27 -13.70 1.56
CA GLY B 435 -30.38 -13.67 3.00
C GLY B 435 -31.74 -14.11 3.50
N ARG B 436 -32.43 -14.93 2.72
CA ARG B 436 -33.78 -15.36 3.07
C ARG B 436 -33.92 -16.86 2.86
N ASN B 437 -34.87 -17.44 3.58
CA ASN B 437 -35.23 -18.85 3.44
C ASN B 437 -36.67 -18.94 2.94
N TRP B 438 -36.84 -18.83 1.63
CA TRP B 438 -38.17 -18.81 1.00
C TRP B 438 -38.48 -20.06 0.20
N GLY B 439 -37.49 -20.69 -0.42
CA GLY B 439 -37.70 -21.62 -1.49
C GLY B 439 -37.84 -20.93 -2.83
N GLY B 440 -37.55 -21.67 -3.90
CA GLY B 440 -37.64 -21.13 -5.24
C GLY B 440 -36.45 -20.26 -5.61
N GLN B 441 -36.50 -19.70 -6.81
CA GLN B 441 -35.42 -18.88 -7.31
C GLN B 441 -35.92 -17.50 -7.69
N GLN B 442 -34.96 -16.60 -7.90
CA GLN B 442 -35.17 -15.27 -8.45
C GLN B 442 -33.98 -14.92 -9.33
N SER B 443 -34.24 -14.16 -10.39
CA SER B 443 -33.20 -13.82 -11.35
C SER B 443 -33.03 -12.31 -11.41
N PHE B 444 -31.80 -11.89 -11.69
CA PHE B 444 -31.43 -10.48 -11.73
C PHE B 444 -30.64 -10.24 -13.01
N THR B 445 -30.97 -9.15 -13.70
CA THR B 445 -30.23 -8.73 -14.87
C THR B 445 -28.99 -8.00 -14.39
N ILE B 446 -27.82 -8.58 -14.62
CA ILE B 446 -26.56 -8.04 -14.14
C ILE B 446 -25.57 -7.95 -15.30
N ASN B 447 -24.86 -6.84 -15.37
CA ASN B 447 -23.78 -6.66 -16.35
C ASN B 447 -22.52 -7.35 -15.84
N SER B 448 -22.16 -8.49 -16.45
CA SER B 448 -20.92 -9.18 -16.16
C SER B 448 -19.70 -8.52 -16.77
N HIS B 449 -19.88 -7.57 -17.68
CA HIS B 449 -18.81 -6.93 -18.45
C HIS B 449 -18.12 -7.89 -19.41
N GLN B 450 -18.71 -9.06 -19.66
CA GLN B 450 -18.20 -10.03 -20.63
C GLN B 450 -19.25 -10.26 -21.71
N PRO B 451 -19.15 -9.59 -22.86
CA PRO B 451 -20.21 -9.70 -23.87
C PRO B 451 -20.30 -11.11 -24.47
N ASN B 452 -21.53 -11.55 -24.71
CA ASN B 452 -21.83 -12.78 -25.46
C ASN B 452 -21.12 -13.98 -24.85
N THR B 453 -21.13 -14.05 -23.53
CA THR B 453 -20.46 -15.10 -22.78
C THR B 453 -21.49 -15.96 -22.06
N THR B 454 -21.27 -17.27 -22.07
CA THR B 454 -22.09 -18.21 -21.35
C THR B 454 -21.42 -18.55 -20.02
N PHE B 455 -22.22 -18.57 -18.96
CA PHE B 455 -21.79 -18.82 -17.60
C PHE B 455 -22.47 -20.07 -17.06
N TYR B 456 -21.95 -20.56 -15.93
CA TYR B 456 -22.56 -21.67 -15.21
C TYR B 456 -22.22 -21.52 -13.72
N ASP B 457 -23.02 -22.16 -12.87
CA ASP B 457 -22.92 -21.99 -11.43
C ASP B 457 -21.88 -22.94 -10.86
N TYR B 458 -20.72 -22.39 -10.48
CA TYR B 458 -19.64 -23.22 -9.94
C TYR B 458 -20.06 -23.96 -8.67
N THR B 459 -21.00 -23.39 -7.90
CA THR B 459 -21.42 -24.01 -6.65
C THR B 459 -22.31 -25.23 -6.86
N GLY B 460 -22.90 -25.37 -8.04
CA GLY B 460 -23.87 -26.42 -8.25
C GLY B 460 -25.17 -26.23 -7.52
N ASN B 461 -25.55 -24.98 -7.22
CA ASN B 461 -26.81 -24.69 -6.54
C ASN B 461 -27.94 -24.36 -7.49
N VAL B 462 -27.62 -23.79 -8.66
CA VAL B 462 -28.59 -23.56 -9.72
C VAL B 462 -28.06 -24.22 -10.98
N SER B 463 -28.91 -24.99 -11.65
CA SER B 463 -28.50 -25.69 -12.85
C SER B 463 -28.76 -24.85 -14.09
N GLY B 464 -28.18 -25.26 -15.21
CA GLY B 464 -28.35 -24.55 -16.46
C GLY B 464 -27.23 -23.55 -16.70
N THR B 465 -27.45 -22.72 -17.72
CA THR B 465 -26.45 -21.73 -18.09
C THR B 465 -27.07 -20.35 -18.14
N VAL B 466 -26.22 -19.34 -18.33
CA VAL B 466 -26.65 -17.96 -18.51
C VAL B 466 -25.79 -17.36 -19.61
N THR B 467 -26.42 -16.87 -20.67
CA THR B 467 -25.71 -16.27 -21.79
C THR B 467 -25.92 -14.76 -21.76
N THR B 468 -24.83 -14.01 -21.76
CA THR B 468 -24.93 -12.56 -21.75
C THR B 468 -25.17 -12.03 -23.17
N ASN B 469 -25.66 -10.79 -23.24
CA ASN B 469 -25.92 -10.14 -24.51
C ASN B 469 -24.70 -9.31 -24.93
N ALA B 470 -24.85 -8.47 -25.95
CA ALA B 470 -23.69 -7.79 -26.52
C ALA B 470 -23.18 -6.67 -25.61
N GLN B 471 -24.03 -6.07 -24.80
CA GLN B 471 -23.59 -5.03 -23.86
C GLN B 471 -23.16 -5.62 -22.51
N GLY B 472 -23.19 -6.94 -22.37
CA GLY B 472 -22.66 -7.61 -21.19
C GLY B 472 -23.66 -8.10 -20.19
N TYR B 473 -24.95 -7.87 -20.40
CA TYR B 473 -25.97 -8.20 -19.41
C TYR B 473 -26.48 -9.62 -19.58
N GLY B 474 -26.73 -10.28 -18.46
CA GLY B 474 -27.41 -11.57 -18.45
C GLY B 474 -28.37 -11.62 -17.28
N SER B 475 -29.27 -12.60 -17.32
CA SER B 475 -30.27 -12.80 -16.27
C SER B 475 -29.82 -13.95 -15.39
N PHE B 476 -29.28 -13.62 -14.18
CA PHE B 476 -28.69 -14.68 -13.38
C PHE B 476 -29.59 -15.03 -12.21
N PRO B 477 -29.87 -16.30 -11.97
CA PRO B 477 -30.69 -16.68 -10.82
C PRO B 477 -29.86 -17.02 -9.58
N VAL B 478 -30.57 -17.02 -8.45
CA VAL B 478 -30.05 -17.50 -7.18
C VAL B 478 -31.21 -18.17 -6.46
N THR B 479 -30.91 -19.21 -5.69
CA THR B 479 -31.90 -19.92 -4.91
C THR B 479 -32.22 -19.13 -3.64
N MET B 480 -33.51 -18.98 -3.33
CA MET B 480 -33.93 -18.19 -2.18
C MET B 480 -34.13 -19.07 -0.95
N THR B 481 -33.05 -19.75 -0.56
CA THR B 481 -33.00 -20.55 0.65
C THR B 481 -31.79 -20.15 1.47
N GLU B 482 -31.73 -20.71 2.68
CA GLU B 482 -30.53 -20.63 3.50
C GLU B 482 -29.51 -21.67 3.06
N SER B 483 -29.96 -22.92 2.95
CA SER B 483 -29.08 -24.07 2.76
C SER B 483 -28.32 -24.03 1.45
N THR B 484 -28.93 -23.47 0.39
CA THR B 484 -28.30 -23.43 -0.91
C THR B 484 -28.38 -22.04 -1.53
N GLY B 485 -28.57 -21.01 -0.71
CA GLY B 485 -28.79 -19.67 -1.21
C GLY B 485 -27.57 -18.88 -1.63
N TRP B 486 -26.67 -19.49 -2.40
CA TRP B 486 -25.59 -18.75 -3.01
C TRP B 486 -25.28 -19.33 -4.39
N SER B 487 -24.80 -18.46 -5.30
CA SER B 487 -24.42 -18.96 -6.62
C SER B 487 -23.28 -18.10 -7.16
N VAL B 488 -22.32 -18.76 -7.81
CA VAL B 488 -21.14 -18.10 -8.36
C VAL B 488 -21.07 -18.49 -9.84
N TRP B 489 -21.66 -17.68 -10.69
CA TRP B 489 -21.66 -17.94 -12.13
C TRP B 489 -20.31 -17.52 -12.72
N VAL B 490 -19.63 -18.46 -13.36
CA VAL B 490 -18.36 -18.19 -14.03
C VAL B 490 -18.43 -18.74 -15.45
N PRO B 491 -17.62 -18.19 -16.38
CA PRO B 491 -17.71 -18.61 -17.78
C PRO B 491 -17.39 -20.09 -17.98
N GLN B 492 -18.11 -20.70 -18.92
CA GLN B 492 -17.93 -22.09 -19.30
C GLN B 492 -16.55 -22.30 -19.93
N SER B 493 -16.08 -23.55 -19.89
CA SER B 493 -14.78 -23.90 -20.46
C SER B 493 -14.77 -23.75 -21.98
#